data_8UDR
#
_entry.id   8UDR
#
_cell.length_a   1.00
_cell.length_b   1.00
_cell.length_c   1.00
_cell.angle_alpha   90.00
_cell.angle_beta   90.00
_cell.angle_gamma   90.00
#
_symmetry.space_group_name_H-M   'P 1'
#
loop_
_entity.id
_entity.type
_entity.pdbx_description
1 polymer 'HLA class I histocompatibility antigen, A alpha chain'
2 polymer Beta-2-microglobulin
3 polymer 'GTPase KRas, N-terminally processed'
4 polymer 'P1B7 Heavy Chain'
5 polymer 'P1B7 Light Chain'
6 non-polymer 'AMG 510 (bound form)'
#
loop_
_entity_poly.entity_id
_entity_poly.type
_entity_poly.pdbx_seq_one_letter_code
_entity_poly.pdbx_strand_id
1 'polypeptide(L)'
;GSHSMRYFFTSVSRPGRGEPRFIAVGYVDDTQFVRFDSDAASQRMEPRAPWIEQEGPEYWDQETRNVKAQSQTDRVDLGT
LRGYYNQSEAGSHTIQIMYGCDVGSDGRFLRGYRQDAYDGKDYIALNEDLRSWTAADMAAQITKRKWEAAHEAEQLRAYL
DGTCVEWLRRYLENGKETLQRTDPPKTHMTHHPISDHEATLRCWALGFYPAEITLTWQRDGEDQTQDTELVETRPAGDGT
FQKWAAVVVPSGEEQRYTCHVQHEGLPKPLTLRWE
;
A
2 'polypeptide(L)'
;IQRTPKIQVYSRHPAENGKSNFLNCYVSGFHPSDIEVDLLKNGERIEKVEHSDLSFSKDWSFYLLYYTEFTPTEKDEYAC
RVNHVTLSQPKIVKWDRDM
;
B
3 'polypeptide(L)' VVVGACGVGK C
4 'polypeptide(L)'
;VQLQQSGPGLVKPSQTLSLTCAISGDSVSSNSVAWNWIRQSPSRGLEWLGRTYYRSKWYSDYAVSVKSRITINPDTSKNQ
FSLQLTSMTPEDTAVYYCAREGVTMGPGAFDIWGQGTMVTVSSASTKGPSVFPLAPSSKSTSGGTAALGCLVKDYFPEPV
TVSWNSGALTSGVHTFPAVLQSSGLYSLSSVVTVPSSSLGTQTYICNVNHKPSNTKVDKKVEPKSC
;
D
5 'polypeptide(L)'
;ALTQPPSVSGSPGQSVTISCTGSSSDVGHYNRVSWYQQSPGTAPKLMIYDVSNRPSGAFSRFSGSRSGNTASLTISGLQP
EDEADYYCSSHRTGYTVEVFGTGTKVTVLGQPKAAPSVTLFPPSSEELQANKATLVCLISDFYPGAVTVAWKADSSPVKA
GVETTTPSKQSNNKYAASSYLSLTPEQWKSHRSYSCQVTHEGSTVEKTVAPTE
;
E
#
loop_
_chem_comp.id
_chem_comp.type
_chem_comp.name
_chem_comp.formula
MOV non-polymer 'AMG 510 (bound form)' 'C30 H32 F2 N6 O3'
#
# COMPACT_ATOMS: atom_id res chain seq x y z
N GLY A 1 7.22 37.91 28.99
CA GLY A 1 6.76 38.89 27.96
C GLY A 1 5.84 38.27 26.94
N SER A 2 6.40 37.94 25.78
CA SER A 2 5.69 37.27 24.69
C SER A 2 5.49 35.79 25.00
N HIS A 3 4.52 35.19 24.33
CA HIS A 3 4.12 33.80 24.52
C HIS A 3 4.00 33.11 23.16
N SER A 4 4.04 31.79 23.12
CA SER A 4 3.96 31.05 21.86
C SER A 4 3.26 29.70 21.99
N MET A 5 2.65 29.25 20.92
CA MET A 5 2.11 27.89 20.78
C MET A 5 2.87 27.18 19.67
N ARG A 6 3.13 25.88 19.86
CA ARG A 6 3.81 25.02 18.90
C ARG A 6 3.15 23.65 18.86
N TYR A 7 3.02 23.09 17.68
CA TYR A 7 2.70 21.68 17.47
C TYR A 7 3.80 21.01 16.67
N PHE A 8 4.28 19.87 17.17
CA PHE A 8 5.38 19.08 16.61
C PHE A 8 4.86 17.73 16.16
N PHE A 9 5.03 17.36 14.89
CA PHE A 9 4.56 16.09 14.32
C PHE A 9 5.73 15.30 13.73
N THR A 10 5.80 14.00 14.01
CA THR A 10 6.80 13.09 13.44
C THR A 10 6.12 11.87 12.86
N SER A 11 6.47 11.48 11.63
CA SER A 11 6.00 10.26 10.98
C SER A 11 7.15 9.46 10.40
N VAL A 12 7.26 8.18 10.75
CA VAL A 12 8.36 7.28 10.34
C VAL A 12 7.81 6.04 9.63
N SER A 13 8.21 5.76 8.40
CA SER A 13 7.82 4.52 7.70
C SER A 13 8.49 3.28 8.28
N ARG A 14 7.76 2.16 8.35
CA ARG A 14 8.28 0.88 8.81
C ARG A 14 8.17 -0.12 7.65
N PRO A 15 9.28 -0.55 7.00
CA PRO A 15 9.25 -1.41 5.81
C PRO A 15 8.43 -2.71 5.97
N GLY A 16 7.86 -3.21 4.86
CA GLY A 16 6.95 -4.35 4.84
C GLY A 16 5.49 -3.94 5.02
N ARG A 17 4.68 -4.77 5.70
CA ARG A 17 3.24 -4.51 5.93
C ARG A 17 2.93 -3.53 7.07
N GLY A 18 3.92 -3.07 7.83
CA GLY A 18 3.68 -2.22 9.01
C GLY A 18 3.18 -0.81 8.68
N GLU A 19 2.35 -0.25 9.56
CA GLU A 19 1.91 1.14 9.51
C GLU A 19 3.06 2.07 9.95
N PRO A 20 3.19 3.28 9.38
CA PRO A 20 4.08 4.30 9.91
C PRO A 20 3.85 4.56 11.41
N ARG A 21 4.90 4.86 12.17
CA ARG A 21 4.76 5.42 13.52
C ARG A 21 4.43 6.90 13.39
N PHE A 22 3.37 7.38 14.02
CA PHE A 22 3.04 8.81 14.07
C PHE A 22 2.93 9.28 15.51
N ILE A 23 3.54 10.43 15.83
CA ILE A 23 3.46 11.07 17.15
C ILE A 23 3.21 12.57 16.94
N ALA A 24 2.31 13.16 17.72
CA ALA A 24 2.06 14.60 17.74
C ALA A 24 2.13 15.13 19.17
N VAL A 25 2.73 16.30 19.37
CA VAL A 25 2.89 16.92 20.69
C VAL A 25 2.57 18.42 20.61
N GLY A 26 1.86 18.96 21.59
CA GLY A 26 1.55 20.39 21.66
C GLY A 26 2.15 21.07 22.89
N TYR A 27 2.66 22.30 22.73
CA TYR A 27 3.24 23.11 23.80
C TYR A 27 2.65 24.52 23.83
N VAL A 28 2.49 25.09 25.02
CA VAL A 28 2.39 26.54 25.23
C VAL A 28 3.66 26.96 25.96
N ASP A 29 4.44 27.85 25.38
CA ASP A 29 5.79 28.20 25.85
C ASP A 29 6.66 26.93 26.03
N ASP A 30 7.29 26.75 27.19
CA ASP A 30 8.05 25.55 27.54
C ASP A 30 7.18 24.40 28.07
N THR A 31 5.87 24.60 28.26
CA THR A 31 4.98 23.63 28.91
C THR A 31 4.21 22.81 27.87
N GLN A 32 4.38 21.49 27.88
CA GLN A 32 3.58 20.58 27.07
C GLN A 32 2.13 20.53 27.59
N PHE A 33 1.13 20.45 26.72
CA PHE A 33 -0.27 20.36 27.15
C PHE A 33 -1.11 19.26 26.49
N VAL A 34 -0.72 18.70 25.34
CA VAL A 34 -1.43 17.58 24.69
C VAL A 34 -0.46 16.60 24.01
N ARG A 35 -0.92 15.39 23.72
CA ARG A 35 -0.25 14.43 22.83
C ARG A 35 -1.22 13.60 21.99
N PHE A 36 -0.70 12.98 20.94
CA PHE A 36 -1.27 11.80 20.27
C PHE A 36 -0.13 10.86 19.87
N ASP A 37 -0.35 9.55 19.84
CA ASP A 37 0.62 8.53 19.42
C ASP A 37 -0.09 7.36 18.74
N SER A 38 0.31 6.98 17.53
CA SER A 38 -0.32 5.90 16.77
C SER A 38 -0.25 4.56 17.47
N ASP A 39 0.77 4.33 18.28
CA ASP A 39 1.03 3.03 18.92
C ASP A 39 0.49 2.95 20.36
N ALA A 40 -0.29 3.94 20.79
CA ALA A 40 -1.07 3.89 22.03
C ALA A 40 -2.41 3.15 21.85
N ALA A 41 -2.95 2.58 22.93
CA ALA A 41 -4.22 1.84 22.89
C ALA A 41 -5.47 2.70 22.72
N SER A 42 -5.44 3.97 23.13
CA SER A 42 -6.61 4.84 23.24
C SER A 42 -7.06 5.45 21.90
N GLN A 43 -6.15 5.75 20.98
CA GLN A 43 -6.42 6.40 19.68
C GLN A 43 -7.18 7.74 19.78
N ARG A 44 -6.96 8.49 20.86
CA ARG A 44 -7.56 9.79 21.19
C ARG A 44 -6.45 10.83 21.42
N MET A 45 -6.71 12.12 21.23
CA MET A 45 -5.83 13.17 21.75
C MET A 45 -5.95 13.21 23.29
N GLU A 46 -4.83 13.24 24.02
CA GLU A 46 -4.79 13.11 25.48
C GLU A 46 -4.23 14.37 26.16
N PRO A 47 -4.78 14.79 27.32
CA PRO A 47 -4.30 15.96 28.05
C PRO A 47 -2.98 15.66 28.77
N ARG A 48 -2.10 16.66 28.89
CA ARG A 48 -0.79 16.53 29.56
C ARG A 48 -0.50 17.65 30.56
N ALA A 49 -1.53 18.38 30.99
CA ALA A 49 -1.46 19.49 31.92
C ALA A 49 -2.73 19.56 32.78
N PRO A 50 -2.70 20.15 33.99
CA PRO A 50 -3.89 20.23 34.84
C PRO A 50 -4.93 21.25 34.36
N TRP A 51 -4.51 22.30 33.66
CA TRP A 51 -5.39 23.41 33.26
C TRP A 51 -6.21 23.14 31.99
N ILE A 52 -5.87 22.13 31.17
CA ILE A 52 -6.58 21.83 29.93
C ILE A 52 -7.78 20.88 30.14
N GLU A 53 -7.82 20.13 31.24
CA GLU A 53 -8.86 19.10 31.47
C GLU A 53 -10.27 19.67 31.69
N GLN A 54 -10.41 20.99 31.89
CA GLN A 54 -11.71 21.67 31.89
C GLN A 54 -12.35 21.76 30.50
N GLU A 55 -11.62 21.49 29.41
CA GLU A 55 -12.19 21.40 28.07
C GLU A 55 -13.13 20.20 27.94
N GLY A 56 -14.26 20.39 27.26
CA GLY A 56 -15.32 19.41 27.16
C GLY A 56 -15.09 18.46 26.01
N PRO A 57 -16.00 17.47 25.87
CA PRO A 57 -15.97 16.49 24.80
C PRO A 57 -15.93 17.09 23.38
N GLU A 58 -16.47 18.28 23.16
CA GLU A 58 -16.44 18.91 21.84
C GLU A 58 -15.02 19.32 21.44
N TYR A 59 -14.20 19.75 22.40
CA TYR A 59 -12.78 19.97 22.13
C TYR A 59 -12.05 18.65 21.83
N TRP A 60 -12.19 17.64 22.68
CA TRP A 60 -11.45 16.40 22.53
C TRP A 60 -11.86 15.57 21.31
N ASP A 61 -13.10 15.67 20.85
CA ASP A 61 -13.53 15.08 19.57
C ASP A 61 -12.95 15.82 18.37
N GLN A 62 -13.02 17.14 18.35
CA GLN A 62 -12.46 17.94 17.25
C GLN A 62 -10.95 17.73 17.11
N GLU A 63 -10.21 17.82 18.22
CA GLU A 63 -8.76 17.59 18.22
C GLU A 63 -8.42 16.17 17.78
N THR A 64 -9.17 15.15 18.20
CA THR A 64 -8.92 13.77 17.76
C THR A 64 -9.15 13.60 16.26
N ARG A 65 -10.19 14.18 15.67
CA ARG A 65 -10.42 14.09 14.21
C ARG A 65 -9.29 14.75 13.42
N ASN A 66 -8.77 15.87 13.89
CA ASN A 66 -7.76 16.64 13.18
C ASN A 66 -6.34 16.07 13.28
N VAL A 67 -5.92 15.43 14.39
CA VAL A 67 -4.63 14.71 14.39
C VAL A 67 -4.65 13.43 13.54
N LYS A 68 -5.80 12.76 13.43
CA LYS A 68 -5.97 11.64 12.49
C LYS A 68 -5.93 12.09 11.02
N ALA A 69 -6.40 13.30 10.68
CA ALA A 69 -6.28 13.85 9.33
C ALA A 69 -4.83 14.22 8.95
N GLN A 70 -4.02 14.74 9.89
CA GLN A 70 -2.57 14.91 9.69
C GLN A 70 -1.87 13.56 9.56
N SER A 71 -2.16 12.60 10.44
CA SER A 71 -1.63 11.24 10.38
C SER A 71 -1.85 10.58 9.03
N GLN A 72 -3.07 10.63 8.49
CA GLN A 72 -3.42 10.08 7.18
C GLN A 72 -2.73 10.79 6.02
N THR A 73 -2.47 12.09 6.11
CA THR A 73 -1.76 12.87 5.08
C THR A 73 -0.28 12.48 4.99
N ASP A 74 0.40 12.29 6.12
CA ASP A 74 1.82 11.90 6.15
C ASP A 74 2.07 10.51 5.54
N ARG A 75 1.14 9.54 5.65
CA ARG A 75 1.26 8.22 5.01
C ARG A 75 1.42 8.30 3.50
N VAL A 76 0.76 9.26 2.87
CA VAL A 76 0.74 9.49 1.41
C VAL A 76 1.99 10.26 0.98
N ASP A 77 2.44 11.21 1.81
CA ASP A 77 3.69 11.93 1.58
C ASP A 77 4.93 11.04 1.72
N LEU A 78 4.98 10.10 2.67
CA LEU A 78 6.07 9.14 2.78
C LEU A 78 6.27 8.35 1.48
N GLY A 79 5.18 7.84 0.88
CA GLY A 79 5.23 7.13 -0.39
C GLY A 79 5.61 8.02 -1.59
N THR A 80 5.21 9.29 -1.57
CA THR A 80 5.54 10.25 -2.63
C THR A 80 7.01 10.67 -2.63
N LEU A 81 7.57 11.04 -1.48
CA LEU A 81 8.97 11.49 -1.38
C LEU A 81 9.97 10.37 -1.66
N ARG A 82 9.66 9.11 -1.30
CA ARG A 82 10.44 7.92 -1.71
C ARG A 82 10.62 7.90 -3.23
N GLY A 83 9.59 8.30 -3.97
CA GLY A 83 9.61 8.42 -5.43
C GLY A 83 10.33 9.65 -5.96
N TYR A 84 10.11 10.84 -5.40
CA TYR A 84 10.82 12.06 -5.83
C TYR A 84 12.34 11.91 -5.73
N TYR A 85 12.86 11.29 -4.67
CA TYR A 85 14.29 11.03 -4.49
C TYR A 85 14.76 9.70 -5.10
N ASN A 86 13.91 8.96 -5.82
CA ASN A 86 14.22 7.67 -6.44
C ASN A 86 14.81 6.63 -5.47
N GLN A 87 14.35 6.63 -4.22
CA GLN A 87 14.87 5.76 -3.15
C GLN A 87 14.32 4.33 -3.27
N SER A 88 15.05 3.35 -2.75
CA SER A 88 14.64 1.94 -2.74
C SER A 88 13.58 1.65 -1.66
N GLU A 89 12.93 0.50 -1.72
CA GLU A 89 11.87 0.13 -0.78
C GLU A 89 12.36 -0.40 0.59
N ALA A 90 13.67 -0.52 0.78
CA ALA A 90 14.23 -1.31 1.88
C ALA A 90 14.38 -0.59 3.23
N GLY A 91 14.52 0.73 3.26
CA GLY A 91 14.79 1.51 4.48
C GLY A 91 13.58 2.28 5.02
N SER A 92 13.60 2.61 6.32
CA SER A 92 12.69 3.59 6.91
C SER A 92 13.09 5.02 6.56
N HIS A 93 12.13 5.92 6.51
CA HIS A 93 12.31 7.35 6.25
C HIS A 93 11.41 8.17 7.16
N THR A 94 11.79 9.42 7.44
CA THR A 94 11.15 10.25 8.47
C THR A 94 10.67 11.58 7.92
N ILE A 95 9.44 11.98 8.21
CA ILE A 95 8.92 13.34 7.96
C ILE A 95 8.73 14.04 9.30
N GLN A 96 9.14 15.29 9.43
CA GLN A 96 8.87 16.10 10.60
C GLN A 96 8.25 17.42 10.19
N ILE A 97 7.28 17.88 10.97
CA ILE A 97 6.55 19.12 10.74
C ILE A 97 6.45 19.88 12.05
N MET A 98 6.68 21.18 12.00
CA MET A 98 6.47 22.11 13.11
C MET A 98 5.71 23.31 12.59
N TYR A 99 4.64 23.72 13.26
CA TYR A 99 3.93 24.97 13.02
C TYR A 99 3.40 25.57 14.32
N GLY A 100 3.08 26.85 14.30
CA GLY A 100 2.56 27.56 15.46
C GLY A 100 2.66 29.07 15.33
N CYS A 101 2.32 29.80 16.39
CA CYS A 101 2.31 31.26 16.39
C CYS A 101 2.91 31.86 17.67
N ASP A 102 3.44 33.07 17.56
CA ASP A 102 3.91 33.90 18.67
C ASP A 102 2.96 35.08 18.87
N VAL A 103 2.54 35.31 20.10
CA VAL A 103 1.65 36.41 20.49
C VAL A 103 2.34 37.25 21.54
N GLY A 104 2.28 38.57 21.39
CA GLY A 104 3.01 39.45 22.28
C GLY A 104 2.36 39.58 23.64
N SER A 105 3.02 40.35 24.50
CA SER A 105 2.54 40.52 25.88
C SER A 105 1.20 41.24 25.93
N ASP A 106 0.87 42.03 24.91
CA ASP A 106 -0.42 42.70 24.84
C ASP A 106 -1.47 41.89 24.09
N GLY A 107 -1.19 40.63 23.74
CA GLY A 107 -2.13 39.75 23.06
C GLY A 107 -2.24 39.96 21.55
N ARG A 108 -1.48 40.88 20.93
CA ARG A 108 -1.43 41.03 19.46
C ARG A 108 -0.53 39.99 18.81
N PHE A 109 -0.83 39.62 17.57
CA PHE A 109 -0.05 38.69 16.78
C PHE A 109 1.34 39.24 16.43
N LEU A 110 2.41 38.48 16.68
CA LEU A 110 3.78 38.84 16.28
C LEU A 110 4.21 38.15 14.98
N ARG A 111 4.17 36.82 14.95
CA ARG A 111 4.55 36.01 13.78
C ARG A 111 4.02 34.58 13.86
N GLY A 112 4.01 33.88 12.73
CA GLY A 112 3.67 32.46 12.65
C GLY A 112 4.69 31.68 11.83
N TYR A 113 4.66 30.35 11.90
CA TYR A 113 5.64 29.49 11.26
C TYR A 113 5.02 28.23 10.68
N ARG A 114 5.61 27.67 9.63
CA ARG A 114 5.55 26.24 9.33
C ARG A 114 6.90 25.77 8.77
N GLN A 115 7.38 24.59 9.16
CA GLN A 115 8.62 24.04 8.61
C GLN A 115 8.47 22.53 8.43
N ASP A 116 8.93 22.04 7.28
CA ASP A 116 8.94 20.61 6.98
C ASP A 116 10.38 20.14 6.80
N ALA A 117 10.63 18.87 7.14
CA ALA A 117 11.91 18.24 6.91
C ALA A 117 11.72 16.79 6.50
N TYR A 118 12.61 16.27 5.67
CA TYR A 118 12.63 14.87 5.25
C TYR A 118 13.97 14.26 5.65
N ASP A 119 13.97 13.22 6.48
CA ASP A 119 15.18 12.56 6.96
C ASP A 119 16.14 13.56 7.60
N GLY A 120 15.59 14.48 8.38
CA GLY A 120 16.40 15.39 9.16
C GLY A 120 16.95 16.58 8.40
N LYS A 121 16.57 16.75 7.13
CA LYS A 121 17.03 17.86 6.31
C LYS A 121 15.85 18.72 5.91
N ASP A 122 16.11 20.01 5.76
CA ASP A 122 15.06 20.94 5.35
C ASP A 122 14.50 20.51 4.00
N TYR A 123 13.18 20.56 3.87
CA TYR A 123 12.47 20.26 2.63
C TYR A 123 11.79 21.51 2.09
N ILE A 124 10.89 22.11 2.86
CA ILE A 124 10.17 23.30 2.46
C ILE A 124 9.74 24.04 3.72
N ALA A 125 9.69 25.37 3.63
CA ALA A 125 9.31 26.19 4.77
C ALA A 125 8.50 27.38 4.28
N LEU A 126 7.61 27.89 5.13
CA LEU A 126 6.82 29.08 4.87
C LEU A 126 7.66 30.33 5.18
N ASN A 127 7.61 31.34 4.31
CA ASN A 127 8.35 32.58 4.51
C ASN A 127 7.65 33.45 5.55
N GLU A 128 8.40 34.41 6.10
CA GLU A 128 7.90 35.18 7.23
C GLU A 128 6.68 36.01 6.88
N ASP A 129 6.47 36.32 5.61
CA ASP A 129 5.31 37.11 5.20
C ASP A 129 4.06 36.25 5.02
N LEU A 130 4.13 34.94 5.26
CA LEU A 130 3.00 34.03 5.14
C LEU A 130 2.35 34.10 3.75
N ARG A 131 3.10 34.45 2.69
CA ARG A 131 2.58 34.50 1.34
C ARG A 131 3.24 33.53 0.38
N SER A 132 4.45 33.04 0.67
CA SER A 132 5.21 32.22 -0.26
C SER A 132 6.05 31.22 0.51
N TRP A 133 6.61 30.27 -0.23
CA TRP A 133 7.37 29.16 0.34
C TRP A 133 8.81 29.23 -0.11
N THR A 134 9.71 28.65 0.68
CA THR A 134 11.11 28.47 0.30
C THR A 134 11.38 26.98 0.17
N ALA A 135 11.87 26.56 -0.98
CA ALA A 135 12.22 25.17 -1.24
C ALA A 135 13.69 24.94 -0.94
N ALA A 136 14.00 23.79 -0.35
CA ALA A 136 15.38 23.50 0.03
C ALA A 136 16.18 22.87 -1.10
N ASP A 137 15.57 22.05 -1.95
CA ASP A 137 16.24 21.26 -3.01
C ASP A 137 15.38 21.09 -4.27
N MET A 138 15.81 20.25 -5.23
CA MET A 138 15.11 20.03 -6.50
C MET A 138 13.81 19.22 -6.40
N ALA A 139 13.63 18.34 -5.41
CA ALA A 139 12.38 17.62 -5.17
C ALA A 139 11.33 18.55 -4.53
N ALA A 140 11.75 19.42 -3.62
CA ALA A 140 10.89 20.42 -3.05
C ALA A 140 10.36 21.46 -4.05
N GLN A 141 10.93 21.59 -5.25
CA GLN A 141 10.39 22.51 -6.24
C GLN A 141 9.03 22.05 -6.75
N ILE A 142 8.80 20.73 -6.79
CA ILE A 142 7.53 20.15 -7.25
C ILE A 142 6.44 20.48 -6.24
N THR A 143 6.71 20.29 -4.95
CA THR A 143 5.80 20.67 -3.86
C THR A 143 5.53 22.16 -3.84
N LYS A 144 6.55 23.02 -4.00
CA LYS A 144 6.35 24.46 -4.02
C LYS A 144 5.36 24.88 -5.10
N ARG A 145 5.54 24.36 -6.31
CA ARG A 145 4.63 24.70 -7.40
C ARG A 145 3.22 24.18 -7.13
N LYS A 146 3.09 22.94 -6.64
CA LYS A 146 1.79 22.35 -6.31
C LYS A 146 1.07 23.17 -5.23
N TRP A 147 1.75 23.58 -4.17
CA TRP A 147 1.15 24.35 -3.07
C TRP A 147 0.85 25.78 -3.45
N GLU A 148 1.57 26.36 -4.42
CA GLU A 148 1.22 27.68 -4.92
C GLU A 148 -0.06 27.63 -5.75
N ALA A 149 -0.17 26.66 -6.65
CA ALA A 149 -1.37 26.53 -7.46
C ALA A 149 -2.60 26.25 -6.61
N ALA A 150 -2.44 25.52 -5.49
CA ALA A 150 -3.56 25.22 -4.61
C ALA A 150 -3.85 26.33 -3.60
N HIS A 151 -3.05 27.40 -3.58
CA HIS A 151 -3.21 28.48 -2.60
C HIS A 151 -3.21 27.95 -1.17
N GLU A 152 -2.24 27.09 -0.86
CA GLU A 152 -2.15 26.53 0.48
C GLU A 152 -1.78 27.60 1.51
N ALA A 153 -0.97 28.58 1.10
CA ALA A 153 -0.54 29.62 2.01
C ALA A 153 -1.71 30.42 2.55
N GLU A 154 -2.74 30.63 1.72
CA GLU A 154 -3.88 31.48 2.04
C GLU A 154 -4.76 30.85 3.13
N GLN A 155 -4.92 29.52 3.10
CA GLN A 155 -5.64 28.80 4.14
C GLN A 155 -4.84 28.76 5.45
N LEU A 156 -3.53 28.51 5.37
CA LEU A 156 -2.68 28.44 6.55
C LEU A 156 -2.52 29.80 7.22
N ARG A 157 -2.36 30.89 6.46
CA ARG A 157 -2.25 32.24 7.02
C ARG A 157 -3.49 32.62 7.83
N ALA A 158 -4.68 32.29 7.34
CA ALA A 158 -5.94 32.54 8.03
C ALA A 158 -6.11 31.74 9.34
N TYR A 159 -5.40 30.62 9.51
CA TYR A 159 -5.29 29.94 10.79
C TYR A 159 -4.25 30.62 11.70
N LEU A 160 -3.05 30.89 11.17
CA LEU A 160 -1.93 31.41 11.96
C LEU A 160 -2.21 32.78 12.56
N ASP A 161 -2.76 33.74 11.81
CA ASP A 161 -3.07 35.07 12.35
C ASP A 161 -4.48 35.20 12.96
N GLY A 162 -5.24 34.11 12.96
CA GLY A 162 -6.62 34.03 13.45
C GLY A 162 -6.78 33.01 14.57
N THR A 163 -7.22 31.80 14.23
CA THR A 163 -7.56 30.77 15.21
C THR A 163 -6.42 30.40 16.14
N CYS A 164 -5.16 30.38 15.68
CA CYS A 164 -4.01 30.12 16.56
C CYS A 164 -3.89 31.16 17.68
N VAL A 165 -4.21 32.43 17.39
CA VAL A 165 -4.12 33.53 18.36
C VAL A 165 -5.27 33.48 19.36
N GLU A 166 -6.50 33.21 18.94
CA GLU A 166 -7.66 33.14 19.86
C GLU A 166 -7.49 32.07 20.93
N TRP A 167 -7.07 30.86 20.53
CA TRP A 167 -6.89 29.76 21.47
C TRP A 167 -5.65 29.93 22.34
N LEU A 168 -4.58 30.59 21.85
CA LEU A 168 -3.45 30.93 22.71
C LEU A 168 -3.86 31.88 23.83
N ARG A 169 -4.63 32.94 23.54
CA ARG A 169 -5.16 33.85 24.58
C ARG A 169 -6.01 33.09 25.61
N ARG A 170 -6.88 32.18 25.16
CA ARG A 170 -7.68 31.33 26.04
C ARG A 170 -6.82 30.47 26.98
N TYR A 171 -5.82 29.76 26.46
CA TYR A 171 -4.94 28.92 27.28
C TYR A 171 -4.14 29.72 28.30
N LEU A 172 -3.54 30.84 27.89
CA LEU A 172 -2.79 31.70 28.81
C LEU A 172 -3.64 32.21 29.97
N GLU A 173 -4.91 32.53 29.73
CA GLU A 173 -5.78 32.99 30.80
C GLU A 173 -6.25 31.84 31.69
N ASN A 174 -6.70 30.73 31.08
CA ASN A 174 -7.25 29.58 31.77
C ASN A 174 -6.21 28.82 32.61
N GLY A 175 -4.94 28.91 32.23
CA GLY A 175 -3.79 28.39 32.95
C GLY A 175 -2.90 29.48 33.56
N LYS A 176 -3.43 30.68 33.83
CA LYS A 176 -2.65 31.83 34.27
C LYS A 176 -1.88 31.53 35.55
N GLU A 177 -2.43 30.64 36.39
CA GLU A 177 -1.74 30.27 37.63
C GLU A 177 -0.46 29.50 37.40
N THR A 178 -0.25 28.86 36.24
CA THR A 178 0.87 27.94 35.96
C THR A 178 1.72 28.34 34.75
N LEU A 179 1.11 28.83 33.66
CA LEU A 179 1.83 29.22 32.45
C LEU A 179 2.55 30.58 32.57
N GLN A 180 1.94 31.51 33.29
CA GLN A 180 2.44 32.89 33.42
C GLN A 180 3.32 33.13 34.65
N ARG A 181 3.73 32.08 35.37
CA ARG A 181 4.67 32.17 36.50
C ARG A 181 6.08 32.55 36.03
N THR A 182 6.93 32.97 36.96
CA THR A 182 8.37 33.07 36.73
C THR A 182 9.10 32.71 38.02
N ASP A 183 9.91 31.66 37.97
CA ASP A 183 10.62 31.11 39.12
C ASP A 183 12.12 31.41 38.97
N PRO A 184 12.74 32.17 39.89
CA PRO A 184 14.16 32.50 39.81
C PRO A 184 15.05 31.28 40.08
N PRO A 185 16.27 31.22 39.53
CA PRO A 185 17.20 30.14 39.79
C PRO A 185 17.67 30.15 41.25
N LYS A 186 17.54 29.01 41.93
CA LYS A 186 18.00 28.79 43.31
C LYS A 186 19.51 28.49 43.33
N THR A 187 20.30 29.50 42.99
CA THR A 187 21.74 29.35 42.67
C THR A 187 22.61 28.95 43.87
N HIS A 188 23.70 28.23 43.59
CA HIS A 188 24.78 27.95 44.55
C HIS A 188 26.09 27.62 43.83
N MET A 189 27.19 27.51 44.58
CA MET A 189 28.52 27.20 44.04
C MET A 189 29.21 26.08 44.83
N THR A 190 29.93 25.18 44.15
CA THR A 190 30.68 24.09 44.78
C THR A 190 32.12 24.01 44.26
N HIS A 191 33.04 23.64 45.17
CA HIS A 191 34.48 23.53 44.93
C HIS A 191 34.90 22.06 44.93
N HIS A 192 35.63 21.65 43.90
CA HIS A 192 36.03 20.27 43.67
C HIS A 192 37.49 20.24 43.21
N PRO A 193 38.44 20.00 44.12
CA PRO A 193 39.85 19.96 43.71
C PRO A 193 40.11 18.79 42.77
N ILE A 194 41.03 19.01 41.83
CA ILE A 194 41.37 17.99 40.84
C ILE A 194 42.84 17.59 40.90
N SER A 195 43.69 18.41 41.49
CA SER A 195 45.12 18.10 41.60
C SER A 195 45.69 18.88 42.78
N ASP A 196 46.98 18.69 43.01
CA ASP A 196 47.68 19.44 44.06
C ASP A 196 47.81 20.93 43.75
N HIS A 197 47.55 21.35 42.51
CA HIS A 197 47.72 22.74 42.12
C HIS A 197 46.48 23.35 41.48
N GLU A 198 45.43 22.58 41.21
CA GLU A 198 44.26 23.06 40.48
C GLU A 198 43.00 22.52 41.12
N ALA A 199 41.91 23.28 40.96
CA ALA A 199 40.60 22.87 41.43
C ALA A 199 39.55 23.37 40.43
N THR A 200 38.39 22.72 40.46
CA THR A 200 37.27 23.09 39.61
C THR A 200 36.21 23.81 40.43
N LEU A 201 35.72 24.94 39.93
CA LEU A 201 34.58 25.64 40.53
C LEU A 201 33.36 25.42 39.65
N ARG A 202 32.26 24.91 40.22
CA ARG A 202 30.99 24.68 39.53
C ARG A 202 29.92 25.62 40.07
N CYS A 203 29.32 26.39 39.17
CA CYS A 203 28.30 27.39 39.43
C CYS A 203 26.95 26.88 38.93
N TRP A 204 25.95 26.79 39.79
CA TRP A 204 24.70 26.06 39.53
C TRP A 204 23.49 26.99 39.46
N ALA A 205 22.55 26.66 38.59
CA ALA A 205 21.18 27.15 38.61
C ALA A 205 20.20 25.98 38.67
N LEU A 206 19.29 25.99 39.63
CA LEU A 206 18.29 24.93 39.85
C LEU A 206 16.89 25.55 39.96
N GLY A 207 15.85 24.78 39.62
CA GLY A 207 14.47 25.14 39.94
C GLY A 207 13.87 26.30 39.15
N PHE A 208 14.55 26.83 38.13
CA PHE A 208 14.04 27.97 37.37
C PHE A 208 13.03 27.58 36.28
N TYR A 209 12.22 28.57 35.87
CA TYR A 209 11.27 28.52 34.76
C TYR A 209 10.94 29.98 34.36
N PRO A 210 10.90 30.36 33.07
CA PRO A 210 11.10 29.55 31.87
C PRO A 210 12.58 29.15 31.65
N ALA A 211 12.86 28.32 30.66
CA ALA A 211 14.18 27.70 30.45
C ALA A 211 15.28 28.64 29.92
N GLU A 212 14.97 29.87 29.52
CA GLU A 212 15.95 30.83 28.99
C GLU A 212 16.81 31.44 30.11
N ILE A 213 18.11 31.08 30.16
CA ILE A 213 19.06 31.49 31.20
C ILE A 213 20.44 31.71 30.59
N THR A 214 21.24 32.61 31.16
CA THR A 214 22.68 32.74 30.86
C THR A 214 23.50 32.53 32.13
N LEU A 215 24.54 31.69 32.05
CA LEU A 215 25.62 31.55 33.04
C LEU A 215 26.96 31.91 32.40
N THR A 216 27.76 32.77 33.02
CA THR A 216 29.11 33.14 32.53
C THR A 216 30.13 33.32 33.67
N TRP A 217 31.38 32.96 33.44
CA TRP A 217 32.51 33.16 34.38
C TRP A 217 33.43 34.31 33.95
N GLN A 218 33.82 35.15 34.92
CA GLN A 218 34.86 36.18 34.77
C GLN A 218 36.03 35.89 35.71
N ARG A 219 37.24 36.33 35.34
CA ARG A 219 38.43 36.37 36.21
C ARG A 219 39.03 37.77 36.17
N ASP A 220 39.30 38.37 37.32
CA ASP A 220 39.69 39.79 37.46
C ASP A 220 38.69 40.79 36.80
N GLY A 221 37.46 40.38 36.50
CA GLY A 221 36.49 41.18 35.74
C GLY A 221 36.57 41.04 34.21
N GLU A 222 37.37 40.11 33.68
CA GLU A 222 37.43 39.76 32.25
C GLU A 222 36.76 38.40 31.96
N ASP A 223 35.96 38.30 30.89
CA ASP A 223 35.23 37.08 30.54
C ASP A 223 36.14 35.87 30.26
N GLN A 224 35.75 34.68 30.74
CA GLN A 224 36.49 33.42 30.59
C GLN A 224 35.77 32.41 29.68
N THR A 225 34.91 32.88 28.77
CA THR A 225 33.98 32.04 28.00
C THR A 225 34.67 30.90 27.23
N GLN A 226 35.81 31.19 26.59
CA GLN A 226 36.59 30.20 25.84
C GLN A 226 37.19 29.06 26.69
N ASP A 227 37.35 29.28 28.01
CA ASP A 227 37.86 28.29 28.97
C ASP A 227 36.75 27.70 29.88
N THR A 228 35.49 28.07 29.66
CA THR A 228 34.33 27.62 30.45
C THR A 228 33.74 26.33 29.87
N GLU A 229 33.34 25.39 30.72
CA GLU A 229 32.52 24.24 30.37
C GLU A 229 31.08 24.44 30.86
N LEU A 230 30.09 24.21 30.00
CA LEU A 230 28.67 24.26 30.35
C LEU A 230 27.97 22.97 29.92
N VAL A 231 27.02 22.48 30.72
CA VAL A 231 25.99 21.57 30.22
C VAL A 231 24.86 22.36 29.57
N GLU A 232 24.22 21.79 28.55
CA GLU A 232 22.99 22.38 28.00
C GLU A 232 21.83 22.28 29.01
N THR A 233 20.88 23.20 28.95
CA THR A 233 19.76 23.26 29.90
C THR A 233 18.98 21.95 29.87
N ARG A 234 18.70 21.38 31.03
CA ARG A 234 18.03 20.08 31.15
C ARG A 234 16.77 20.18 32.00
N PRO A 235 15.69 19.46 31.66
CA PRO A 235 14.47 19.46 32.46
C PRO A 235 14.71 18.76 33.80
N ALA A 236 14.09 19.22 34.88
CA ALA A 236 14.11 18.54 36.15
C ALA A 236 13.05 17.44 36.23
N GLY A 237 11.99 17.54 35.44
CA GLY A 237 10.91 16.58 35.47
C GLY A 237 9.67 17.04 36.22
N ASP A 238 9.73 18.18 36.92
CA ASP A 238 8.60 18.69 37.67
C ASP A 238 8.16 20.07 37.17
N GLY A 239 8.58 20.46 35.97
CA GLY A 239 8.23 21.77 35.45
C GLY A 239 9.30 22.82 35.60
N THR A 240 10.46 22.47 36.15
CA THR A 240 11.61 23.36 36.29
C THR A 240 12.78 22.85 35.46
N PHE A 241 13.82 23.67 35.33
CA PHE A 241 15.03 23.38 34.59
C PHE A 241 16.28 23.53 35.47
N GLN A 242 17.35 22.83 35.09
CA GLN A 242 18.67 22.89 35.71
C GLN A 242 19.73 23.30 34.67
N LYS A 243 20.79 23.99 35.10
CA LYS A 243 22.00 24.23 34.31
C LYS A 243 23.18 24.47 35.24
N TRP A 244 24.40 24.22 34.78
CA TRP A 244 25.61 24.67 35.48
C TRP A 244 26.71 25.09 34.51
N ALA A 245 27.64 25.91 34.99
CA ALA A 245 28.83 26.31 34.26
C ALA A 245 30.05 26.18 35.18
N ALA A 246 31.19 25.73 34.67
CA ALA A 246 32.37 25.44 35.47
C ALA A 246 33.68 25.85 34.79
N VAL A 247 34.69 26.13 35.61
CA VAL A 247 36.06 26.46 35.20
C VAL A 247 37.08 25.75 36.09
N VAL A 248 38.21 25.36 35.49
CA VAL A 248 39.41 24.97 36.22
C VAL A 248 40.15 26.23 36.68
N VAL A 249 40.41 26.35 37.96
CA VAL A 249 41.11 27.47 38.60
C VAL A 249 42.37 26.95 39.28
N PRO A 250 43.56 27.51 39.02
CA PRO A 250 44.73 27.15 39.82
C PRO A 250 44.51 27.42 41.30
N SER A 251 45.02 26.54 42.14
CA SER A 251 44.85 26.68 43.59
C SER A 251 45.35 28.05 44.04
N GLY A 252 44.51 28.75 44.79
CA GLY A 252 44.83 30.08 45.30
C GLY A 252 44.23 31.22 44.51
N GLU A 253 43.73 30.97 43.29
CA GLU A 253 43.11 32.00 42.49
C GLU A 253 41.58 31.98 42.57
N GLU A 254 40.95 31.16 43.43
CA GLU A 254 39.49 31.08 43.51
C GLU A 254 38.82 32.43 43.85
N GLN A 255 39.51 33.31 44.59
CA GLN A 255 39.03 34.65 44.91
C GLN A 255 39.10 35.63 43.72
N ARG A 256 39.86 35.32 42.66
CA ARG A 256 39.94 36.14 41.44
C ARG A 256 38.81 35.86 40.45
N TYR A 257 38.19 34.68 40.51
CA TYR A 257 37.06 34.30 39.67
C TYR A 257 35.70 34.77 40.23
N THR A 258 34.69 34.93 39.37
CA THR A 258 33.30 35.26 39.74
C THR A 258 32.32 34.81 38.66
N CYS A 259 31.21 34.18 39.06
CA CYS A 259 30.18 33.66 38.17
C CYS A 259 28.97 34.61 38.16
N HIS A 260 28.46 34.95 36.97
CA HIS A 260 27.28 35.80 36.76
C HIS A 260 26.10 34.98 36.25
N VAL A 261 24.91 35.15 36.84
CA VAL A 261 23.67 34.49 36.46
C VAL A 261 22.64 35.51 35.99
N GLN A 262 22.07 35.32 34.80
CA GLN A 262 21.06 36.20 34.22
C GLN A 262 19.80 35.41 33.80
N HIS A 263 18.65 35.81 34.32
CA HIS A 263 17.34 35.18 34.15
C HIS A 263 16.21 36.21 34.38
N GLU A 264 15.01 35.98 33.86
CA GLU A 264 13.88 36.92 34.03
C GLU A 264 13.37 37.00 35.48
N GLY A 265 13.56 35.95 36.27
CA GLY A 265 13.17 35.93 37.69
C GLY A 265 14.09 36.73 38.61
N LEU A 266 15.23 37.22 38.12
CA LEU A 266 16.18 38.01 38.91
C LEU A 266 16.01 39.50 38.58
N PRO A 267 15.77 40.39 39.57
CA PRO A 267 15.63 41.83 39.34
C PRO A 267 16.84 42.46 38.63
N LYS A 268 18.05 41.93 38.85
CA LYS A 268 19.29 42.28 38.15
C LYS A 268 20.25 41.07 38.12
N PRO A 269 21.20 40.99 37.16
CA PRO A 269 22.18 39.90 37.12
C PRO A 269 22.87 39.66 38.47
N LEU A 270 22.96 38.40 38.88
CA LEU A 270 23.40 37.98 40.21
C LEU A 270 24.82 37.41 40.15
N THR A 271 25.70 37.80 41.07
CA THR A 271 27.11 37.34 41.12
C THR A 271 27.41 36.41 42.29
N LEU A 272 28.18 35.35 42.03
CA LEU A 272 28.69 34.39 43.01
C LEU A 272 30.22 34.26 42.94
N ARG A 273 30.87 34.00 44.09
CA ARG A 273 32.28 33.60 44.19
C ARG A 273 32.52 32.70 45.40
N TRP A 274 33.60 31.91 45.38
CA TRP A 274 33.91 30.93 46.43
C TRP A 274 34.26 31.58 47.78
N GLU A 275 33.82 30.98 48.89
CA GLU A 275 33.97 31.52 50.26
C GLU A 275 33.92 30.43 51.34
N ILE B 1 23.01 13.11 8.06
CA ILE B 1 21.64 12.63 8.37
C ILE B 1 21.59 12.11 9.80
N GLN B 2 22.52 11.22 10.14
CA GLN B 2 22.56 10.61 11.45
C GLN B 2 23.29 11.52 12.45
N ARG B 3 22.82 11.50 13.69
CA ARG B 3 23.40 12.30 14.75
C ARG B 3 23.54 11.45 16.00
N THR B 4 24.66 11.60 16.72
CA THR B 4 24.97 10.78 17.91
C THR B 4 24.31 11.35 19.18
N PRO B 5 23.62 10.54 20.01
CA PRO B 5 23.00 11.06 21.23
C PRO B 5 24.01 11.64 22.22
N LYS B 6 23.75 12.86 22.70
CA LYS B 6 24.32 13.42 23.92
C LYS B 6 23.52 12.87 25.11
N ILE B 7 24.17 12.64 26.25
CA ILE B 7 23.54 11.98 27.41
C ILE B 7 23.89 12.73 28.68
N GLN B 8 22.92 12.92 29.59
CA GLN B 8 23.15 13.37 30.96
C GLN B 8 22.39 12.51 31.95
N VAL B 9 23.04 12.08 33.03
CA VAL B 9 22.43 11.35 34.15
C VAL B 9 22.55 12.19 35.42
N TYR B 10 21.42 12.45 36.08
CA TYR B 10 21.32 13.41 37.17
C TYR B 10 20.07 13.13 38.01
N SER B 11 19.92 13.79 39.15
CA SER B 11 18.73 13.67 40.00
C SER B 11 17.88 14.94 39.96
N ARG B 12 16.56 14.83 40.13
CA ARG B 12 15.67 15.98 40.13
C ARG B 12 16.01 16.95 41.26
N HIS B 13 16.25 16.42 42.46
CA HIS B 13 16.59 17.23 43.61
C HIS B 13 18.02 16.95 44.05
N PRO B 14 18.69 17.88 44.76
CA PRO B 14 20.00 17.62 45.33
C PRO B 14 20.03 16.32 46.15
N ALA B 15 21.02 15.47 45.91
CA ALA B 15 21.14 14.18 46.59
C ALA B 15 21.31 14.32 48.12
N GLU B 16 20.40 13.71 48.88
CA GLU B 16 20.55 13.42 50.31
C GLU B 16 20.24 11.93 50.54
N ASN B 17 21.15 11.19 51.17
CA ASN B 17 20.96 9.76 51.36
C ASN B 17 19.78 9.49 52.30
N GLY B 18 18.88 8.56 51.95
CA GLY B 18 17.73 8.27 52.77
C GLY B 18 16.48 9.03 52.42
N LYS B 19 16.58 10.03 51.52
CA LYS B 19 15.43 10.87 51.13
C LYS B 19 14.97 10.53 49.70
N SER B 20 13.67 10.52 49.46
CA SER B 20 13.15 10.20 48.14
C SER B 20 13.67 11.18 47.10
N ASN B 21 13.95 10.69 45.91
CA ASN B 21 14.43 11.49 44.80
C ASN B 21 14.02 10.80 43.50
N PHE B 22 14.34 11.43 42.38
CA PHE B 22 14.06 10.90 41.05
C PHE B 22 15.33 10.88 40.22
N LEU B 23 15.65 9.76 39.59
CA LEU B 23 16.83 9.59 38.75
C LEU B 23 16.43 9.89 37.31
N ASN B 24 17.04 10.89 36.70
CA ASN B 24 16.76 11.31 35.33
C ASN B 24 17.87 10.87 34.40
N CYS B 25 17.50 10.49 33.17
CA CYS B 25 18.44 10.29 32.08
C CYS B 25 17.93 11.06 30.88
N TYR B 26 18.57 12.16 30.52
CA TYR B 26 18.15 13.03 29.43
C TYR B 26 19.05 12.81 28.24
N VAL B 27 18.46 12.41 27.12
CA VAL B 27 19.15 12.07 25.88
C VAL B 27 18.65 13.00 24.79
N SER B 28 19.54 13.71 24.15
CA SER B 28 19.21 14.72 23.16
C SER B 28 20.17 14.70 21.99
N GLY B 29 19.77 15.27 20.88
CA GLY B 29 20.65 15.48 19.74
C GLY B 29 20.85 14.29 18.83
N PHE B 30 19.96 13.31 18.85
CA PHE B 30 20.07 12.09 18.04
C PHE B 30 19.15 12.12 16.82
N HIS B 31 19.50 11.35 15.79
CA HIS B 31 18.66 11.12 14.62
C HIS B 31 19.16 9.89 13.89
N PRO B 32 18.29 8.95 13.49
CA PRO B 32 16.82 8.91 13.57
C PRO B 32 16.28 8.69 14.98
N SER B 33 14.95 8.67 15.12
CA SER B 33 14.25 8.59 16.40
C SER B 33 14.31 7.24 17.12
N ASP B 34 14.67 6.16 16.44
CA ASP B 34 14.80 4.83 17.06
C ASP B 34 15.95 4.81 18.07
N ILE B 35 15.63 4.67 19.35
CA ILE B 35 16.61 4.66 20.42
C ILE B 35 16.07 3.84 21.59
N GLU B 36 16.98 3.18 22.30
CA GLU B 36 16.65 2.40 23.49
C GLU B 36 17.43 2.94 24.68
N VAL B 37 16.73 3.21 25.77
CA VAL B 37 17.32 3.75 26.98
C VAL B 37 16.85 2.92 28.16
N ASP B 38 17.80 2.45 28.98
CA ASP B 38 17.49 1.71 30.19
C ASP B 38 18.17 2.38 31.36
N LEU B 39 17.51 2.39 32.52
CA LEU B 39 18.11 2.83 33.77
C LEU B 39 18.58 1.62 34.55
N LEU B 40 19.80 1.68 35.06
CA LEU B 40 20.48 0.58 35.73
C LEU B 40 20.68 0.88 37.22
N LYS B 41 20.51 -0.12 38.09
CA LYS B 41 20.87 -0.04 39.49
C LYS B 41 21.83 -1.17 39.81
N ASN B 42 23.07 -0.81 40.14
CA ASN B 42 24.13 -1.80 40.42
C ASN B 42 24.25 -2.79 39.26
N GLY B 43 24.09 -2.30 38.04
CA GLY B 43 24.21 -3.13 36.85
C GLY B 43 22.93 -3.81 36.42
N GLU B 44 21.88 -3.78 37.25
CA GLU B 44 20.61 -4.42 36.94
C GLU B 44 19.65 -3.40 36.35
N ARG B 45 18.80 -3.85 35.43
CA ARG B 45 17.83 -2.96 34.79
C ARG B 45 16.66 -2.67 35.73
N ILE B 46 16.23 -1.41 35.73
CA ILE B 46 15.03 -1.02 36.47
C ILE B 46 13.83 -1.11 35.53
N GLU B 47 12.79 -1.82 35.98
CA GLU B 47 11.63 -2.06 35.13
C GLU B 47 10.62 -0.92 35.21
N LYS B 48 10.44 -0.29 36.38
CA LYS B 48 9.47 0.78 36.65
C LYS B 48 9.95 2.16 36.14
N VAL B 49 10.25 2.27 34.84
CA VAL B 49 10.81 3.49 34.21
C VAL B 49 9.78 4.12 33.29
N GLU B 50 9.50 5.40 33.49
CA GLU B 50 8.63 6.20 32.64
C GLU B 50 9.44 7.08 31.68
N HIS B 51 8.82 7.60 30.63
CA HIS B 51 9.49 8.53 29.71
C HIS B 51 8.58 9.61 29.14
N SER B 52 9.17 10.72 28.70
CA SER B 52 8.47 11.79 28.00
C SER B 52 8.03 11.36 26.60
N ASP B 53 7.11 12.11 26.00
CA ASP B 53 6.71 11.94 24.61
C ASP B 53 7.78 12.46 23.64
N LEU B 54 7.96 11.81 22.48
CA LEU B 54 9.01 12.17 21.52
C LEU B 54 8.80 13.59 20.97
N SER B 55 9.83 14.42 21.07
CA SER B 55 9.84 15.78 20.55
C SER B 55 11.21 16.11 19.96
N PHE B 56 11.33 17.19 19.19
CA PHE B 56 12.53 17.54 18.44
C PHE B 56 12.87 19.02 18.53
N SER B 57 14.15 19.33 18.33
CA SER B 57 14.74 20.67 18.39
C SER B 57 14.74 21.39 17.04
N LYS B 58 15.15 22.65 16.99
CA LYS B 58 15.19 23.49 15.78
C LYS B 58 16.03 22.90 14.65
N ASP B 59 17.04 22.10 14.98
CA ASP B 59 17.91 21.43 14.02
C ASP B 59 17.39 20.06 13.61
N TRP B 60 16.13 19.72 13.94
CA TRP B 60 15.49 18.44 13.65
C TRP B 60 16.05 17.24 14.42
N SER B 61 16.88 17.45 15.43
CA SER B 61 17.36 16.36 16.29
C SER B 61 16.35 16.05 17.39
N PHE B 62 16.21 14.79 17.80
CA PHE B 62 15.26 14.38 18.81
C PHE B 62 15.76 14.55 20.24
N TYR B 63 14.86 14.59 21.22
CA TYR B 63 15.19 14.45 22.64
C TYR B 63 14.12 13.71 23.42
N LEU B 64 14.53 13.06 24.51
CA LEU B 64 13.69 12.30 25.43
C LEU B 64 14.22 12.43 26.86
N LEU B 65 13.33 12.36 27.83
CA LEU B 65 13.65 12.21 29.25
C LEU B 65 13.13 10.86 29.72
N TYR B 66 13.99 10.00 30.25
CA TYR B 66 13.60 8.76 30.95
C TYR B 66 13.82 8.95 32.44
N TYR B 67 12.88 8.54 33.28
CA TYR B 67 12.97 8.78 34.71
C TYR B 67 12.37 7.67 35.55
N THR B 68 12.85 7.53 36.78
CA THR B 68 12.27 6.62 37.77
C THR B 68 12.53 7.14 39.18
N GLU B 69 11.63 6.80 40.11
CA GLU B 69 11.78 7.16 41.51
C GLU B 69 12.79 6.24 42.19
N PHE B 70 13.63 6.81 43.02
CA PHE B 70 14.69 6.09 43.72
C PHE B 70 15.00 6.76 45.06
N THR B 71 15.67 6.04 45.94
CA THR B 71 16.22 6.62 47.17
C THR B 71 17.74 6.49 47.15
N PRO B 72 18.52 7.57 47.18
CA PRO B 72 19.98 7.49 47.27
C PRO B 72 20.44 6.82 48.57
N THR B 73 21.51 6.03 48.48
CA THR B 73 22.23 5.42 49.61
C THR B 73 23.69 5.21 49.23
N GLU B 74 24.60 5.15 50.20
CA GLU B 74 26.05 5.08 49.97
C GLU B 74 26.50 3.79 49.26
N LYS B 75 25.73 2.70 49.37
CA LYS B 75 26.14 1.38 48.87
C LYS B 75 25.78 1.15 47.41
N ASP B 76 24.77 1.85 46.89
CA ASP B 76 24.27 1.62 45.52
C ASP B 76 24.89 2.62 44.53
N GLU B 77 25.08 2.18 43.28
CA GLU B 77 25.44 3.04 42.14
C GLU B 77 24.41 2.92 41.02
N TYR B 78 24.15 4.03 40.34
CA TYR B 78 23.13 4.16 39.31
C TYR B 78 23.73 4.59 37.98
N ALA B 79 23.16 4.17 36.87
CA ALA B 79 23.65 4.49 35.53
C ALA B 79 22.52 4.49 34.49
N CYS B 80 22.76 5.09 33.33
CA CYS B 80 21.89 5.02 32.18
C CYS B 80 22.60 4.33 31.00
N ARG B 81 21.95 3.35 30.37
CA ARG B 81 22.46 2.62 29.20
C ARG B 81 21.70 3.04 27.97
N VAL B 82 22.39 3.60 26.99
CA VAL B 82 21.81 4.11 25.74
C VAL B 82 22.33 3.33 24.55
N ASN B 83 21.45 2.81 23.69
CA ASN B 83 21.83 2.14 22.45
C ASN B 83 21.15 2.80 21.25
N HIS B 84 21.93 3.12 20.23
CA HIS B 84 21.49 3.86 19.06
C HIS B 84 22.27 3.36 17.85
N VAL B 85 21.69 3.55 16.66
CA VAL B 85 22.32 3.03 15.45
C VAL B 85 23.67 3.69 15.22
N THR B 86 23.87 4.89 15.77
CA THR B 86 25.15 5.59 15.62
C THR B 86 26.19 5.12 16.63
N LEU B 87 25.84 4.28 17.60
CA LEU B 87 26.75 3.79 18.63
C LEU B 87 27.15 2.35 18.28
N SER B 88 28.45 2.08 18.18
CA SER B 88 28.93 0.74 17.87
C SER B 88 28.66 -0.24 19.00
N GLN B 89 28.47 0.22 20.23
CA GLN B 89 28.08 -0.60 21.38
C GLN B 89 27.23 0.24 22.35
N PRO B 90 26.37 -0.37 23.19
CA PRO B 90 25.64 0.36 24.21
C PRO B 90 26.56 1.25 25.05
N LYS B 91 26.19 2.50 25.25
CA LYS B 91 26.97 3.49 25.99
C LYS B 91 26.43 3.64 27.40
N ILE B 92 27.30 3.51 28.41
CA ILE B 92 26.92 3.59 29.82
C ILE B 92 27.41 4.92 30.37
N VAL B 93 26.52 5.71 30.96
CA VAL B 93 26.86 6.92 31.73
C VAL B 93 26.48 6.67 33.18
N LYS B 94 27.45 6.73 34.08
CA LYS B 94 27.23 6.54 35.52
C LYS B 94 26.74 7.83 36.15
N TRP B 95 25.86 7.74 37.15
CA TRP B 95 25.45 8.89 37.95
C TRP B 95 26.62 9.42 38.77
N ASP B 96 26.90 10.70 38.64
CA ASP B 96 27.81 11.45 39.50
C ASP B 96 26.99 12.51 40.24
N ARG B 97 27.04 12.49 41.58
CA ARG B 97 26.25 13.38 42.45
C ARG B 97 26.57 14.86 42.25
N ASP B 98 27.71 15.19 41.64
CA ASP B 98 28.21 16.55 41.45
C ASP B 98 28.02 17.09 40.02
N MET B 99 27.27 16.39 39.15
CA MET B 99 27.10 16.70 37.71
C MET B 99 25.65 16.99 37.28
N VAL C 1 -5.09 24.31 19.32
CA VAL C 1 -5.81 23.57 18.32
C VAL C 1 -4.95 23.32 17.07
N VAL C 2 -5.01 22.08 16.59
CA VAL C 2 -4.32 21.72 15.36
C VAL C 2 -5.13 22.21 14.16
N VAL C 3 -4.46 22.37 13.02
CA VAL C 3 -5.13 22.88 11.83
C VAL C 3 -6.24 21.93 11.42
N GLY C 4 -7.43 22.47 11.19
CA GLY C 4 -8.59 21.69 10.83
C GLY C 4 -8.97 21.69 9.37
N ALA C 5 -8.09 22.15 8.48
CA ALA C 5 -8.35 22.15 7.06
C ALA C 5 -7.46 21.13 6.37
N CYS C 6 -8.06 20.20 5.64
CA CYS C 6 -7.29 19.18 4.96
C CYS C 6 -6.43 19.82 3.88
N GLY C 7 -5.20 19.34 3.76
CA GLY C 7 -4.24 19.88 2.82
C GLY C 7 -3.86 18.89 1.73
N VAL C 8 -3.39 19.45 0.62
CA VAL C 8 -2.90 18.63 -0.48
C VAL C 8 -1.53 18.10 -0.08
N GLY C 9 -1.08 17.02 -0.72
CA GLY C 9 0.17 16.39 -0.37
C GLY C 9 1.36 17.06 -1.01
N LYS C 10 2.52 16.43 -0.85
CA LYS C 10 3.72 16.88 -1.54
C LYS C 10 3.60 16.56 -3.02
N VAL D 1 -13.18 -12.69 2.78
CA VAL D 1 -13.83 -11.66 1.94
C VAL D 1 -14.16 -12.25 0.57
N GLN D 2 -15.38 -12.02 0.08
CA GLN D 2 -15.82 -12.42 -1.26
C GLN D 2 -16.32 -11.20 -2.01
N LEU D 3 -16.07 -11.15 -3.32
CA LEU D 3 -16.62 -10.15 -4.23
C LEU D 3 -17.46 -10.84 -5.30
N GLN D 4 -18.74 -10.48 -5.41
CA GLN D 4 -19.70 -11.11 -6.31
C GLN D 4 -20.19 -10.11 -7.35
N GLN D 5 -19.82 -10.30 -8.62
CA GLN D 5 -20.25 -9.43 -9.72
C GLN D 5 -21.61 -9.85 -10.30
N SER D 6 -22.38 -8.90 -10.82
CA SER D 6 -23.61 -9.15 -11.58
C SER D 6 -23.94 -8.03 -12.56
N GLY D 7 -24.72 -8.33 -13.60
CA GLY D 7 -25.09 -7.42 -14.68
C GLY D 7 -25.28 -8.11 -16.03
N PRO D 8 -25.65 -7.37 -17.09
CA PRO D 8 -25.90 -7.93 -18.41
C PRO D 8 -24.62 -8.31 -19.14
N GLY D 9 -24.67 -9.36 -19.98
CA GLY D 9 -23.55 -9.80 -20.83
C GLY D 9 -23.54 -9.20 -22.24
N LEU D 10 -24.59 -8.47 -22.63
CA LEU D 10 -24.74 -7.80 -23.93
C LEU D 10 -25.39 -6.44 -23.75
N VAL D 11 -24.83 -5.42 -24.41
CA VAL D 11 -25.37 -4.07 -24.49
C VAL D 11 -25.30 -3.59 -25.93
N LYS D 12 -26.31 -2.85 -26.42
CA LYS D 12 -26.34 -2.40 -27.81
C LYS D 12 -25.36 -1.23 -28.01
N PRO D 13 -24.72 -1.05 -29.17
CA PRO D 13 -23.84 0.09 -29.45
C PRO D 13 -24.49 1.44 -29.11
N SER D 14 -23.73 2.32 -28.46
CA SER D 14 -24.16 3.61 -27.89
C SER D 14 -25.12 3.56 -26.69
N GLN D 15 -25.51 2.38 -26.15
CA GLN D 15 -26.20 2.28 -24.86
C GLN D 15 -25.24 2.26 -23.65
N THR D 16 -25.78 2.15 -22.42
CA THR D 16 -25.02 2.32 -21.19
C THR D 16 -24.81 0.98 -20.51
N LEU D 17 -23.57 0.69 -20.12
CA LEU D 17 -23.20 -0.49 -19.35
C LEU D 17 -23.34 -0.18 -17.86
N SER D 18 -24.01 -1.06 -17.12
CA SER D 18 -24.23 -0.89 -15.68
C SER D 18 -24.04 -2.21 -14.95
N LEU D 19 -22.90 -2.37 -14.28
CA LEU D 19 -22.47 -3.58 -13.58
C LEU D 19 -22.44 -3.34 -12.07
N THR D 20 -22.74 -4.35 -11.26
CA THR D 20 -22.65 -4.32 -9.81
C THR D 20 -21.51 -5.22 -9.33
N CYS D 21 -20.74 -4.79 -8.34
CA CYS D 21 -19.94 -5.67 -7.50
C CYS D 21 -20.40 -5.56 -6.04
N ALA D 22 -20.87 -6.68 -5.50
CA ALA D 22 -21.43 -6.79 -4.16
C ALA D 22 -20.40 -7.41 -3.21
N ILE D 23 -20.23 -6.83 -2.03
CA ILE D 23 -19.15 -7.15 -1.10
C ILE D 23 -19.68 -8.03 0.04
N SER D 24 -18.93 -9.07 0.42
CA SER D 24 -19.29 -9.99 1.49
C SER D 24 -18.11 -10.21 2.44
N GLY D 25 -18.33 -10.06 3.75
CA GLY D 25 -17.29 -10.13 4.77
C GLY D 25 -16.41 -8.87 4.91
N ASP D 26 -16.75 -7.77 4.24
CA ASP D 26 -16.06 -6.47 4.37
C ASP D 26 -17.02 -5.29 4.13
N SER D 27 -16.69 -4.10 4.62
CA SER D 27 -17.58 -2.92 4.63
C SER D 27 -17.16 -1.92 3.56
N VAL D 28 -18.09 -1.50 2.68
CA VAL D 28 -17.77 -0.63 1.55
C VAL D 28 -17.19 0.70 2.00
N SER D 29 -17.71 1.29 3.08
CA SER D 29 -17.25 2.56 3.64
C SER D 29 -16.07 2.41 4.61
N SER D 30 -15.29 1.34 4.51
CA SER D 30 -14.14 1.13 5.38
C SER D 30 -13.01 2.13 5.09
N ASN D 31 -12.39 2.70 6.12
CA ASN D 31 -11.34 3.71 5.97
C ASN D 31 -9.94 3.13 5.72
N SER D 32 -9.83 1.81 5.55
CA SER D 32 -8.57 1.09 5.29
C SER D 32 -8.55 0.37 3.93
N VAL D 33 -9.49 0.65 3.02
CA VAL D 33 -9.66 -0.01 1.70
C VAL D 33 -9.97 0.97 0.57
N ALA D 34 -9.93 0.49 -0.67
CA ALA D 34 -10.47 1.12 -1.87
C ALA D 34 -10.97 0.06 -2.87
N TRP D 35 -11.98 0.42 -3.65
CA TRP D 35 -12.76 -0.49 -4.50
C TRP D 35 -12.61 -0.13 -5.98
N ASN D 36 -12.13 -1.07 -6.79
CA ASN D 36 -11.54 -0.85 -8.11
C ASN D 36 -12.29 -1.56 -9.23
N TRP D 37 -12.14 -1.06 -10.46
CA TRP D 37 -12.55 -1.74 -11.69
C TRP D 37 -11.41 -1.82 -12.70
N ILE D 38 -11.22 -2.99 -13.29
CA ILE D 38 -10.19 -3.37 -14.26
C ILE D 38 -10.88 -4.15 -15.39
N ARG D 39 -10.46 -4.01 -16.65
CA ARG D 39 -10.98 -4.84 -17.76
C ARG D 39 -9.87 -5.47 -18.61
N GLN D 40 -10.13 -6.61 -19.22
CA GLN D 40 -9.16 -7.30 -20.08
C GLN D 40 -9.70 -7.58 -21.48
N SER D 41 -9.02 -7.09 -22.52
CA SER D 41 -9.37 -7.31 -23.93
C SER D 41 -8.15 -7.68 -24.79
N PRO D 42 -8.21 -8.66 -25.72
CA PRO D 42 -7.05 -9.09 -26.50
C PRO D 42 -6.27 -8.02 -27.28
N SER D 43 -6.88 -6.90 -27.64
CA SER D 43 -6.20 -5.77 -28.32
C SER D 43 -5.50 -4.77 -27.38
N ARG D 44 -5.73 -4.84 -26.06
CA ARG D 44 -5.18 -3.89 -25.06
C ARG D 44 -4.62 -4.51 -23.78
N GLY D 45 -4.76 -5.81 -23.58
CA GLY D 45 -4.36 -6.48 -22.33
C GLY D 45 -5.24 -6.06 -21.16
N LEU D 46 -4.68 -6.05 -19.95
CA LEU D 46 -5.31 -5.43 -18.77
C LEU D 46 -5.30 -3.90 -18.86
N GLU D 47 -6.43 -3.29 -18.55
CA GLU D 47 -6.65 -1.84 -18.51
C GLU D 47 -7.34 -1.49 -17.18
N TRP D 48 -6.87 -0.47 -16.47
CA TRP D 48 -7.47 -0.04 -15.20
C TRP D 48 -8.45 1.12 -15.47
N LEU D 49 -9.64 1.09 -14.86
CA LEU D 49 -10.73 2.01 -15.17
C LEU D 49 -10.91 3.07 -14.08
N GLY D 50 -10.89 2.69 -12.80
CA GLY D 50 -11.04 3.64 -11.71
C GLY D 50 -11.21 2.98 -10.35
N ARG D 51 -11.19 3.82 -9.30
CA ARG D 51 -11.45 3.43 -7.91
C ARG D 51 -12.40 4.38 -7.21
N THR D 52 -13.02 3.92 -6.13
CA THR D 52 -13.69 4.77 -5.16
C THR D 52 -13.39 4.30 -3.74
N TYR D 53 -13.28 5.23 -2.78
CA TYR D 53 -12.96 4.94 -1.39
C TYR D 53 -13.49 6.02 -0.45
N TYR D 54 -13.59 5.70 0.84
CA TYR D 54 -14.10 6.58 1.88
C TYR D 54 -13.04 6.81 2.95
N ARG D 55 -12.89 8.04 3.45
CA ARG D 55 -12.05 8.32 4.64
C ARG D 55 -12.82 9.05 5.74
N SER D 56 -13.35 10.23 5.44
CA SER D 56 -14.44 10.90 6.19
C SER D 56 -15.55 11.44 5.27
N LYS D 57 -15.40 11.12 3.98
CA LYS D 57 -16.05 11.62 2.77
C LYS D 57 -15.73 10.60 1.67
N TRP D 58 -16.48 10.55 0.58
CA TRP D 58 -16.16 9.70 -0.59
C TRP D 58 -15.23 10.40 -1.57
N TYR D 59 -14.26 9.65 -2.09
CA TYR D 59 -13.30 10.08 -3.11
C TYR D 59 -13.25 9.07 -4.26
N SER D 60 -12.73 9.49 -5.41
CA SER D 60 -12.58 8.65 -6.59
C SER D 60 -11.40 9.06 -7.48
N ASP D 61 -10.87 8.10 -8.22
CA ASP D 61 -9.96 8.32 -9.34
C ASP D 61 -10.54 7.61 -10.57
N TYR D 62 -10.39 8.18 -11.75
CA TYR D 62 -10.76 7.55 -13.01
C TYR D 62 -9.61 7.63 -14.01
N ALA D 63 -9.42 6.60 -14.81
CA ALA D 63 -8.42 6.62 -15.87
C ALA D 63 -8.82 7.61 -16.96
N VAL D 64 -7.83 8.27 -17.55
CA VAL D 64 -8.10 9.30 -18.54
C VAL D 64 -8.70 8.70 -19.82
N SER D 65 -8.49 7.41 -20.13
CA SER D 65 -9.00 6.79 -21.37
C SER D 65 -10.53 6.68 -21.39
N VAL D 66 -11.16 6.74 -20.22
CA VAL D 66 -12.61 6.65 -20.02
C VAL D 66 -13.15 7.75 -19.11
N LYS D 67 -12.37 8.75 -18.66
CA LYS D 67 -12.78 9.64 -17.57
C LYS D 67 -14.12 10.31 -17.87
N SER D 68 -14.35 10.68 -19.13
CA SER D 68 -15.57 11.40 -19.48
C SER D 68 -16.80 10.51 -19.56
N ARG D 69 -16.64 9.18 -19.57
CA ARG D 69 -17.73 8.20 -19.80
C ARG D 69 -18.08 7.39 -18.56
N ILE D 70 -17.26 7.44 -17.51
CA ILE D 70 -17.26 6.52 -16.38
C ILE D 70 -17.67 7.19 -15.07
N THR D 71 -18.30 6.40 -14.19
CA THR D 71 -18.56 6.78 -12.81
C THR D 71 -18.77 5.52 -11.99
N ILE D 72 -18.23 5.51 -10.77
CA ILE D 72 -18.32 4.39 -9.83
C ILE D 72 -19.12 4.88 -8.64
N ASN D 73 -20.23 4.22 -8.32
CA ASN D 73 -21.14 4.66 -7.27
C ASN D 73 -21.20 3.62 -6.15
N PRO D 74 -20.90 3.96 -4.89
CA PRO D 74 -21.14 3.08 -3.75
C PRO D 74 -22.60 3.06 -3.33
N ASP D 75 -23.02 2.00 -2.66
CA ASP D 75 -24.30 1.91 -1.97
C ASP D 75 -24.06 1.31 -0.60
N THR D 76 -24.04 2.15 0.43
CA THR D 76 -23.80 1.77 1.81
C THR D 76 -24.94 0.96 2.41
N SER D 77 -26.16 1.05 1.86
CA SER D 77 -27.29 0.29 2.39
C SER D 77 -27.22 -1.17 1.95
N LYS D 78 -26.74 -1.42 0.73
CA LYS D 78 -26.58 -2.77 0.22
C LYS D 78 -25.14 -3.25 0.25
N ASN D 79 -24.21 -2.41 0.67
CA ASN D 79 -22.79 -2.77 0.77
C ASN D 79 -22.25 -3.25 -0.58
N GLN D 80 -22.45 -2.40 -1.58
CA GLN D 80 -21.98 -2.70 -2.93
C GLN D 80 -21.58 -1.42 -3.62
N PHE D 81 -20.93 -1.58 -4.77
CA PHE D 81 -20.58 -0.49 -5.65
C PHE D 81 -20.81 -0.91 -7.11
N SER D 82 -21.13 0.03 -7.98
CA SER D 82 -21.46 -0.25 -9.37
C SER D 82 -20.58 0.54 -10.32
N LEU D 83 -20.32 -0.02 -11.50
CA LEU D 83 -19.66 0.65 -12.62
C LEU D 83 -20.72 1.05 -13.63
N GLN D 84 -20.75 2.33 -13.99
CA GLN D 84 -21.56 2.84 -15.09
C GLN D 84 -20.61 3.42 -16.14
N LEU D 85 -20.62 2.83 -17.33
CA LEU D 85 -19.80 3.27 -18.45
C LEU D 85 -20.75 3.59 -19.62
N THR D 86 -20.80 4.85 -20.05
CA THR D 86 -21.77 5.26 -21.04
C THR D 86 -21.18 5.18 -22.46
N SER D 87 -22.06 5.31 -23.45
CA SER D 87 -21.67 5.37 -24.85
C SER D 87 -20.78 4.18 -25.23
N MET D 88 -21.24 2.96 -24.97
CA MET D 88 -20.48 1.74 -25.26
C MET D 88 -20.28 1.57 -26.77
N THR D 89 -19.06 1.68 -27.28
CA THR D 89 -18.73 1.33 -28.68
C THR D 89 -18.06 -0.05 -28.73
N PRO D 90 -17.94 -0.71 -29.89
CA PRO D 90 -17.34 -2.05 -29.97
C PRO D 90 -15.98 -2.20 -29.30
N GLU D 91 -15.21 -1.12 -29.18
CA GLU D 91 -13.91 -1.09 -28.49
C GLU D 91 -13.99 -1.38 -26.98
N ASP D 92 -15.16 -1.23 -26.37
CA ASP D 92 -15.43 -1.54 -24.97
C ASP D 92 -15.73 -3.04 -24.72
N THR D 93 -15.65 -3.88 -25.75
CA THR D 93 -15.75 -5.35 -25.63
C THR D 93 -14.58 -5.93 -24.84
N ALA D 94 -14.85 -6.49 -23.65
CA ALA D 94 -13.84 -6.96 -22.69
C ALA D 94 -14.47 -7.84 -21.60
N VAL D 95 -13.64 -8.47 -20.76
CA VAL D 95 -14.08 -9.05 -19.49
C VAL D 95 -13.77 -8.07 -18.35
N TYR D 96 -14.78 -7.73 -17.55
CA TYR D 96 -14.71 -6.71 -16.51
C TYR D 96 -14.55 -7.36 -15.14
N TYR D 97 -13.57 -6.91 -14.36
CA TYR D 97 -13.26 -7.36 -13.00
C TYR D 97 -13.43 -6.23 -11.98
N CYS D 98 -14.07 -6.50 -10.84
CA CYS D 98 -13.90 -5.68 -9.64
C CYS D 98 -12.77 -6.22 -8.77
N ALA D 99 -12.14 -5.36 -7.98
CA ALA D 99 -11.06 -5.75 -7.06
C ALA D 99 -10.97 -4.84 -5.82
N ARG D 100 -10.33 -5.33 -4.76
CA ARG D 100 -10.03 -4.59 -3.51
C ARG D 100 -8.53 -4.29 -3.41
N GLU D 101 -8.17 -3.11 -2.95
CA GLU D 101 -6.85 -2.82 -2.38
C GLU D 101 -7.00 -2.21 -0.98
N GLY D 102 -6.10 -2.53 -0.06
CA GLY D 102 -6.09 -1.99 1.29
C GLY D 102 -5.05 -0.89 1.46
N VAL D 103 -4.69 -0.58 2.72
CA VAL D 103 -3.62 0.39 3.05
C VAL D 103 -2.32 -0.28 3.50
N THR D 104 -2.34 -1.55 3.93
CA THR D 104 -1.14 -2.28 4.40
C THR D 104 -0.19 -2.65 3.26
N MET D 105 -0.73 -3.07 2.11
CA MET D 105 -0.03 -3.04 0.82
C MET D 105 -0.37 -1.72 0.11
N GLY D 106 0.51 -1.20 -0.73
CA GLY D 106 0.30 0.11 -1.35
C GLY D 106 -0.79 0.12 -2.43
N PRO D 107 -0.99 1.24 -3.13
CA PRO D 107 -1.93 1.30 -4.24
C PRO D 107 -1.45 0.47 -5.42
N GLY D 108 -2.38 -0.19 -6.10
CA GLY D 108 -2.12 -1.07 -7.24
C GLY D 108 -1.84 -2.51 -6.86
N ALA D 109 -1.84 -2.87 -5.57
CA ALA D 109 -1.73 -4.24 -5.10
C ALA D 109 -3.12 -4.81 -4.81
N PHE D 110 -3.79 -5.27 -5.87
CA PHE D 110 -5.17 -5.77 -5.86
C PHE D 110 -5.25 -7.14 -5.21
N ASP D 111 -5.72 -7.15 -3.97
CA ASP D 111 -5.63 -8.25 -3.01
C ASP D 111 -6.71 -9.32 -3.23
N ILE D 112 -7.94 -8.91 -3.52
CA ILE D 112 -9.12 -9.74 -3.73
C ILE D 112 -9.79 -9.32 -5.04
N TRP D 113 -10.26 -10.28 -5.83
CA TRP D 113 -10.85 -10.08 -7.16
C TRP D 113 -12.24 -10.71 -7.27
N GLY D 114 -13.08 -10.19 -8.14
CA GLY D 114 -14.38 -10.76 -8.49
C GLY D 114 -14.33 -11.77 -9.64
N GLN D 115 -15.36 -12.60 -9.78
CA GLN D 115 -15.55 -13.45 -10.96
C GLN D 115 -15.80 -12.57 -12.20
N GLY D 116 -14.97 -12.64 -13.22
CA GLY D 116 -15.03 -11.71 -14.34
C GLY D 116 -16.34 -11.79 -15.13
N THR D 117 -16.89 -10.65 -15.55
CA THR D 117 -18.12 -10.58 -16.38
C THR D 117 -17.79 -10.22 -17.82
N MET D 118 -18.13 -11.08 -18.76
CA MET D 118 -17.88 -10.89 -20.18
C MET D 118 -18.93 -9.95 -20.79
N VAL D 119 -18.51 -8.80 -21.32
CA VAL D 119 -19.43 -7.79 -21.88
C VAL D 119 -19.28 -7.69 -23.38
N THR D 120 -20.40 -7.86 -24.09
CA THR D 120 -20.50 -7.89 -25.55
C THR D 120 -21.13 -6.59 -26.04
N VAL D 121 -20.59 -5.98 -27.11
CA VAL D 121 -21.18 -4.79 -27.74
C VAL D 121 -21.53 -5.09 -29.19
N SER D 122 -22.79 -5.40 -29.48
CA SER D 122 -23.25 -5.75 -30.83
C SER D 122 -24.72 -5.37 -31.07
N SER D 123 -25.07 -5.01 -32.30
CA SER D 123 -26.46 -4.74 -32.72
C SER D 123 -27.26 -6.02 -32.99
N ALA D 124 -26.62 -7.19 -33.11
CA ALA D 124 -27.30 -8.46 -33.37
C ALA D 124 -28.27 -8.85 -32.24
N SER D 125 -29.42 -9.42 -32.60
CA SER D 125 -30.44 -9.85 -31.63
C SER D 125 -30.00 -11.08 -30.84
N THR D 126 -30.51 -11.22 -29.61
CA THR D 126 -30.28 -12.40 -28.77
C THR D 126 -30.95 -13.62 -29.39
N LYS D 127 -30.29 -14.79 -29.38
CA LYS D 127 -30.81 -16.05 -29.93
C LYS D 127 -30.38 -17.25 -29.09
N GLY D 128 -31.33 -17.91 -28.43
CA GLY D 128 -31.08 -19.11 -27.62
C GLY D 128 -30.62 -20.30 -28.47
N PRO D 129 -29.82 -21.22 -27.88
CA PRO D 129 -29.23 -22.32 -28.63
C PRO D 129 -30.26 -23.35 -29.10
N SER D 130 -30.08 -23.85 -30.31
CA SER D 130 -30.67 -25.12 -30.73
C SER D 130 -29.80 -26.28 -30.21
N VAL D 131 -30.33 -27.14 -29.35
CA VAL D 131 -29.55 -28.17 -28.64
C VAL D 131 -29.85 -29.56 -29.18
N PHE D 132 -28.80 -30.33 -29.46
CA PHE D 132 -28.90 -31.71 -29.93
C PHE D 132 -27.99 -32.66 -29.13
N PRO D 133 -28.39 -33.92 -28.89
CA PRO D 133 -27.49 -34.94 -28.39
C PRO D 133 -26.49 -35.35 -29.50
N LEU D 134 -25.31 -35.86 -29.12
CA LEU D 134 -24.37 -36.53 -30.02
C LEU D 134 -24.24 -38.00 -29.56
N ALA D 135 -24.67 -38.94 -30.40
CA ALA D 135 -24.77 -40.34 -30.00
C ALA D 135 -23.40 -40.97 -29.68
N PRO D 136 -23.29 -41.87 -28.68
CA PRO D 136 -22.03 -42.53 -28.34
C PRO D 136 -21.49 -43.40 -29.48
N SER D 137 -22.35 -43.76 -30.44
CA SER D 137 -22.00 -44.42 -31.70
C SER D 137 -21.21 -45.72 -31.47
N SER D 138 -21.48 -46.42 -30.35
CA SER D 138 -20.81 -47.68 -29.99
C SER D 138 -19.29 -47.51 -29.91
N LYS D 139 -18.78 -46.34 -29.52
CA LYS D 139 -17.34 -46.12 -29.30
C LYS D 139 -16.97 -46.41 -27.84
N SER D 140 -15.75 -46.89 -27.60
CA SER D 140 -15.21 -47.19 -26.28
C SER D 140 -13.69 -47.10 -26.28
N ALA D 146 -16.37 -45.58 -23.05
CA ALA D 146 -17.29 -44.85 -23.90
C ALA D 146 -17.27 -43.36 -23.56
N ALA D 147 -17.84 -42.55 -24.46
CA ALA D 147 -17.99 -41.12 -24.26
C ALA D 147 -19.28 -40.63 -24.93
N LEU D 148 -19.87 -39.60 -24.34
CA LEU D 148 -21.11 -38.97 -24.78
C LEU D 148 -20.84 -37.52 -25.13
N GLY D 149 -21.62 -36.96 -26.06
CA GLY D 149 -21.53 -35.56 -26.43
C GLY D 149 -22.88 -34.88 -26.56
N CYS D 150 -22.86 -33.56 -26.62
CA CYS D 150 -23.99 -32.74 -27.03
C CYS D 150 -23.50 -31.49 -27.74
N LEU D 151 -24.33 -30.96 -28.63
CA LEU D 151 -24.10 -29.80 -29.46
C LEU D 151 -25.10 -28.71 -29.09
N VAL D 152 -24.63 -27.47 -28.92
CA VAL D 152 -25.46 -26.29 -28.76
C VAL D 152 -25.13 -25.36 -29.92
N LYS D 153 -26.11 -25.11 -30.78
CA LYS D 153 -25.89 -24.62 -32.15
C LYS D 153 -26.60 -23.30 -32.41
N ASP D 154 -26.01 -22.46 -33.27
CA ASP D 154 -26.59 -21.23 -33.82
C ASP D 154 -27.13 -20.28 -32.74
N TYR D 155 -26.26 -19.89 -31.79
CA TYR D 155 -26.63 -19.14 -30.58
C TYR D 155 -25.87 -17.82 -30.44
N PHE D 156 -26.46 -16.82 -29.79
CA PHE D 156 -25.82 -15.51 -29.53
C PHE D 156 -26.45 -14.82 -28.30
N PRO D 157 -25.72 -14.03 -27.49
CA PRO D 157 -24.28 -13.77 -27.46
C PRO D 157 -23.46 -14.91 -26.82
N GLU D 158 -22.15 -14.74 -26.76
CA GLU D 158 -21.14 -15.79 -26.53
C GLU D 158 -21.22 -16.61 -25.23
N PRO D 159 -21.52 -16.05 -24.04
CA PRO D 159 -21.54 -16.81 -22.79
C PRO D 159 -22.61 -17.92 -22.79
N VAL D 160 -22.19 -19.17 -22.59
CA VAL D 160 -23.09 -20.33 -22.35
C VAL D 160 -22.48 -21.25 -21.29
N THR D 161 -23.30 -21.79 -20.39
CA THR D 161 -22.86 -22.78 -19.41
C THR D 161 -23.44 -24.14 -19.77
N VAL D 162 -22.58 -25.15 -19.89
CA VAL D 162 -22.96 -26.52 -20.23
C VAL D 162 -22.38 -27.46 -19.17
N SER D 163 -23.19 -28.37 -18.65
CA SER D 163 -22.79 -29.34 -17.63
C SER D 163 -23.61 -30.63 -17.75
N TRP D 164 -23.17 -31.70 -17.07
CA TRP D 164 -23.75 -33.04 -17.20
C TRP D 164 -24.37 -33.52 -15.89
N ASN D 165 -25.58 -34.08 -15.97
CA ASN D 165 -26.38 -34.54 -14.82
C ASN D 165 -26.47 -33.50 -13.68
N SER D 166 -26.76 -32.24 -14.02
CA SER D 166 -26.92 -31.13 -13.09
C SER D 166 -25.73 -30.97 -12.15
N GLY D 167 -24.52 -31.20 -12.65
CA GLY D 167 -23.33 -31.06 -11.85
C GLY D 167 -22.89 -32.30 -11.11
N ALA D 168 -23.63 -33.40 -11.24
CA ALA D 168 -23.25 -34.63 -10.56
C ALA D 168 -21.89 -35.16 -11.02
N LEU D 169 -21.47 -34.91 -12.27
CA LEU D 169 -20.18 -35.38 -12.79
C LEU D 169 -19.05 -34.37 -12.52
N THR D 170 -18.18 -34.66 -11.55
CA THR D 170 -17.06 -33.79 -11.14
C THR D 170 -15.77 -33.99 -11.93
N SER D 171 -15.70 -34.97 -12.84
CA SER D 171 -14.51 -35.31 -13.64
C SER D 171 -14.87 -35.97 -14.97
N GLY D 172 -13.92 -35.99 -15.91
CA GLY D 172 -14.07 -36.63 -17.23
C GLY D 172 -14.83 -35.81 -18.29
N VAL D 173 -15.19 -34.55 -17.99
CA VAL D 173 -15.96 -33.66 -18.86
C VAL D 173 -15.01 -32.68 -19.57
N HIS D 174 -15.19 -32.48 -20.87
CA HIS D 174 -14.50 -31.44 -21.65
C HIS D 174 -15.50 -30.58 -22.43
N THR D 175 -15.37 -29.26 -22.33
CA THR D 175 -16.14 -28.29 -23.12
C THR D 175 -15.22 -27.56 -24.09
N PHE D 176 -15.48 -27.64 -25.39
CA PHE D 176 -14.65 -27.00 -26.41
C PHE D 176 -15.00 -25.51 -26.58
N PRO D 177 -14.05 -24.64 -26.97
CA PRO D 177 -14.34 -23.23 -27.23
C PRO D 177 -15.30 -23.07 -28.41
N ALA D 178 -16.23 -22.12 -28.31
CA ALA D 178 -17.29 -21.94 -29.29
C ALA D 178 -16.74 -21.51 -30.66
N VAL D 179 -17.19 -22.14 -31.74
CA VAL D 179 -16.88 -21.71 -33.11
C VAL D 179 -17.77 -20.53 -33.47
N LEU D 180 -17.17 -19.37 -33.70
CA LEU D 180 -17.87 -18.23 -34.30
C LEU D 180 -18.04 -18.48 -35.81
N GLN D 181 -19.27 -18.72 -36.22
CA GLN D 181 -19.63 -19.04 -37.61
C GLN D 181 -19.69 -17.78 -38.49
N SER D 182 -19.68 -17.94 -39.82
CA SER D 182 -19.76 -16.81 -40.76
C SER D 182 -21.06 -15.98 -40.67
N SER D 183 -22.13 -16.56 -40.12
CA SER D 183 -23.40 -15.89 -39.82
C SER D 183 -23.33 -14.96 -38.58
N GLY D 184 -22.22 -14.94 -37.84
CA GLY D 184 -22.06 -14.18 -36.61
C GLY D 184 -22.62 -14.89 -35.36
N LEU D 185 -23.30 -16.03 -35.52
CA LEU D 185 -23.75 -16.88 -34.43
C LEU D 185 -22.63 -17.83 -34.00
N TYR D 186 -22.66 -18.27 -32.75
CA TYR D 186 -21.75 -19.25 -32.18
C TYR D 186 -22.32 -20.67 -32.24
N SER D 187 -21.45 -21.68 -32.21
CA SER D 187 -21.80 -23.08 -32.01
C SER D 187 -20.76 -23.78 -31.15
N LEU D 188 -21.18 -24.57 -30.16
CA LEU D 188 -20.32 -25.12 -29.11
C LEU D 188 -20.75 -26.55 -28.79
N SER D 189 -19.81 -27.38 -28.38
CA SER D 189 -20.09 -28.76 -27.99
C SER D 189 -19.25 -29.16 -26.78
N SER D 190 -19.77 -30.12 -26.02
CA SER D 190 -19.08 -30.70 -24.88
C SER D 190 -19.22 -32.22 -24.91
N VAL D 191 -18.31 -32.90 -24.24
CA VAL D 191 -18.28 -34.36 -24.13
C VAL D 191 -17.95 -34.78 -22.71
N VAL D 192 -18.37 -35.99 -22.35
CA VAL D 192 -17.97 -36.65 -21.10
C VAL D 192 -17.54 -38.09 -21.36
N THR D 193 -16.41 -38.48 -20.78
CA THR D 193 -15.93 -39.87 -20.75
C THR D 193 -16.75 -40.64 -19.71
N VAL D 194 -17.34 -41.77 -20.10
CA VAL D 194 -18.13 -42.61 -19.21
C VAL D 194 -17.66 -44.05 -19.32
N PRO D 195 -17.86 -44.84 -18.27
CA PRO D 195 -17.63 -46.29 -18.39
C PRO D 195 -18.63 -46.92 -19.36
N SER D 196 -18.12 -47.87 -20.15
CA SER D 196 -18.99 -48.55 -21.11
C SER D 196 -19.91 -49.54 -20.42
N SER D 197 -19.52 -50.05 -19.24
CA SER D 197 -20.36 -50.99 -18.52
C SER D 197 -21.50 -50.28 -17.81
N SER D 198 -21.30 -49.00 -17.45
CA SER D 198 -22.36 -48.25 -16.78
C SER D 198 -23.24 -47.53 -17.79
N LEU D 199 -22.68 -47.13 -18.93
CA LEU D 199 -23.46 -46.40 -19.93
C LEU D 199 -24.71 -47.17 -20.32
N GLY D 200 -24.64 -48.50 -20.32
CA GLY D 200 -25.77 -49.32 -20.69
C GLY D 200 -27.03 -49.11 -19.88
N THR D 201 -26.90 -48.72 -18.61
CA THR D 201 -28.07 -48.56 -17.75
C THR D 201 -28.15 -47.14 -17.20
N GLN D 202 -27.03 -46.42 -17.18
CA GLN D 202 -26.95 -45.09 -16.60
C GLN D 202 -27.43 -44.04 -17.59
N THR D 203 -28.38 -43.21 -17.15
CA THR D 203 -28.86 -42.11 -17.98
C THR D 203 -27.97 -40.89 -17.80
N TYR D 204 -27.64 -40.25 -18.91
CA TYR D 204 -26.87 -39.02 -18.97
C TYR D 204 -27.67 -37.93 -19.67
N ILE D 205 -27.83 -36.81 -18.97
CA ILE D 205 -28.48 -35.59 -19.45
C ILE D 205 -27.39 -34.53 -19.69
N CYS D 206 -27.40 -33.91 -20.87
CA CYS D 206 -26.63 -32.70 -21.12
C CYS D 206 -27.52 -31.49 -20.78
N ASN D 207 -27.07 -30.67 -19.83
CA ASN D 207 -27.80 -29.52 -19.32
C ASN D 207 -27.18 -28.24 -19.89
N VAL D 208 -27.96 -27.44 -20.60
CA VAL D 208 -27.52 -26.20 -21.25
C VAL D 208 -28.22 -25.02 -20.60
N ASN D 209 -27.47 -24.02 -20.12
CA ASN D 209 -28.08 -22.83 -19.51
C ASN D 209 -27.49 -21.61 -20.21
N HIS D 210 -28.24 -21.00 -21.14
CA HIS D 210 -27.83 -19.77 -21.82
C HIS D 210 -28.47 -18.58 -21.11
N LYS D 211 -27.84 -18.14 -20.02
CA LYS D 211 -28.33 -17.02 -19.19
C LYS D 211 -28.70 -15.76 -19.98
N PRO D 212 -27.99 -15.32 -21.04
CA PRO D 212 -28.33 -14.09 -21.75
C PRO D 212 -29.71 -14.11 -22.45
N SER D 213 -30.27 -15.30 -22.72
CA SER D 213 -31.62 -15.47 -23.23
C SER D 213 -32.59 -16.15 -22.24
N ASN D 214 -32.19 -16.38 -20.98
CA ASN D 214 -33.01 -17.10 -20.00
C ASN D 214 -33.47 -18.45 -20.54
N THR D 215 -32.61 -19.14 -21.27
CA THR D 215 -32.97 -20.43 -21.86
C THR D 215 -32.28 -21.55 -21.09
N LYS D 216 -33.07 -22.40 -20.45
CA LYS D 216 -32.57 -23.55 -19.71
C LYS D 216 -33.24 -24.81 -20.23
N VAL D 217 -32.47 -25.60 -20.98
CA VAL D 217 -32.96 -26.76 -21.73
C VAL D 217 -32.03 -27.96 -21.50
N ASP D 218 -32.64 -29.12 -21.34
CA ASP D 218 -31.99 -30.36 -20.95
C ASP D 218 -32.28 -31.45 -22.00
N LYS D 219 -31.25 -32.12 -22.51
CA LYS D 219 -31.40 -33.22 -23.48
C LYS D 219 -30.84 -34.53 -22.90
N LYS D 220 -31.65 -35.59 -22.93
CA LYS D 220 -31.15 -36.97 -22.74
C LYS D 220 -30.28 -37.37 -23.93
N VAL D 221 -29.13 -37.95 -23.67
CA VAL D 221 -28.24 -38.47 -24.73
C VAL D 221 -28.34 -39.99 -24.75
N GLU D 222 -28.66 -40.58 -25.91
CA GLU D 222 -28.77 -42.03 -26.03
C GLU D 222 -27.96 -42.53 -27.22
N ALA E 1 3.06 3.84 -21.59
CA ALA E 1 3.26 2.40 -21.78
C ALA E 1 4.28 1.84 -20.79
N LEU E 2 4.28 0.52 -20.60
CA LEU E 2 5.14 -0.22 -19.67
C LEU E 2 5.51 -1.57 -20.31
N THR E 3 6.43 -1.55 -21.27
CA THR E 3 6.64 -2.65 -22.22
C THR E 3 7.30 -3.89 -21.61
N GLN E 4 7.09 -5.06 -22.22
CA GLN E 4 7.61 -6.35 -21.78
C GLN E 4 8.05 -7.15 -22.99
N PRO E 5 8.95 -8.11 -22.80
CA PRO E 5 9.25 -9.06 -23.88
C PRO E 5 8.04 -9.96 -24.14
N PRO E 6 7.71 -10.21 -25.41
CA PRO E 6 6.51 -11.02 -25.68
C PRO E 6 6.48 -12.37 -24.98
N SER E 7 7.62 -13.06 -24.89
CA SER E 7 7.63 -14.39 -24.29
C SER E 7 9.04 -14.76 -23.85
N VAL E 8 9.11 -15.65 -22.86
CA VAL E 8 10.35 -16.27 -22.42
C VAL E 8 10.10 -17.76 -22.24
N SER E 9 11.19 -18.54 -22.18
CA SER E 9 11.14 -20.00 -22.10
C SER E 9 12.26 -20.61 -21.23
N GLY E 10 12.05 -21.82 -20.71
CA GLY E 10 13.07 -22.57 -19.97
C GLY E 10 12.71 -24.03 -19.71
N SER E 11 13.71 -24.88 -19.49
CA SER E 11 13.53 -26.28 -19.06
C SER E 11 13.22 -26.37 -17.56
N PRO E 12 12.53 -27.41 -17.08
CA PRO E 12 12.17 -27.53 -15.68
C PRO E 12 13.39 -27.38 -14.76
N GLY E 13 13.28 -26.58 -13.70
CA GLY E 13 14.36 -26.39 -12.76
C GLY E 13 15.24 -25.19 -13.03
N GLN E 14 15.18 -24.61 -14.23
CA GLN E 14 15.95 -23.40 -14.55
C GLN E 14 15.30 -22.15 -13.94
N SER E 15 16.05 -21.06 -13.91
CA SER E 15 15.55 -19.73 -13.58
C SER E 15 15.28 -18.96 -14.86
N VAL E 16 14.13 -18.27 -14.88
CA VAL E 16 13.74 -17.44 -16.02
C VAL E 16 13.44 -16.04 -15.50
N THR E 17 13.89 -15.01 -16.22
CA THR E 17 13.71 -13.60 -15.84
C THR E 17 12.73 -12.90 -16.77
N ILE E 18 11.68 -12.32 -16.18
CA ILE E 18 10.73 -11.42 -16.85
C ILE E 18 11.05 -10.00 -16.38
N SER E 19 11.11 -9.03 -17.28
CA SER E 19 11.31 -7.62 -16.94
C SER E 19 10.26 -6.74 -17.57
N CYS E 20 9.95 -5.60 -16.95
CA CYS E 20 9.11 -4.57 -17.56
C CYS E 20 9.73 -3.18 -17.39
N THR E 21 9.69 -2.37 -18.45
CA THR E 21 10.46 -1.12 -18.56
C THR E 21 9.61 0.11 -18.80
N GLY E 22 9.75 1.13 -17.95
CA GLY E 22 9.11 2.43 -18.16
C GLY E 22 9.68 3.19 -19.37
N SER E 23 8.93 4.17 -19.87
CA SER E 23 9.24 4.90 -21.12
C SER E 23 10.39 5.93 -21.04
N SER E 24 11.17 5.94 -19.96
CA SER E 24 12.32 6.85 -19.73
C SER E 24 11.99 8.35 -19.83
N SER E 25 10.73 8.74 -19.57
CA SER E 25 10.28 10.14 -19.56
C SER E 25 10.78 10.90 -18.33
N ASP E 26 10.89 10.24 -17.17
CA ASP E 26 11.54 10.77 -15.97
C ASP E 26 12.11 9.62 -15.10
N VAL E 27 13.12 9.91 -14.27
CA VAL E 27 13.99 8.89 -13.65
C VAL E 27 13.42 8.35 -12.33
N GLY E 28 12.78 9.19 -11.52
CA GLY E 28 12.20 8.81 -10.22
C GLY E 28 10.89 8.01 -10.29
N HIS E 29 10.25 7.96 -11.46
CA HIS E 29 8.92 7.36 -11.63
C HIS E 29 8.97 5.82 -11.63
N TYR E 30 7.81 5.17 -11.47
CA TYR E 30 7.68 3.71 -11.41
C TYR E 30 8.48 3.11 -10.23
N ASN E 31 8.36 3.70 -9.05
CA ASN E 31 9.09 3.32 -7.84
C ASN E 31 8.46 2.13 -7.08
N ARG E 32 7.13 2.05 -7.02
CA ARG E 32 6.39 0.94 -6.44
C ARG E 32 5.88 0.06 -7.58
N VAL E 33 6.24 -1.21 -7.58
CA VAL E 33 5.94 -2.17 -8.64
C VAL E 33 5.40 -3.44 -8.00
N SER E 34 4.40 -4.07 -8.62
CA SER E 34 3.79 -5.32 -8.17
C SER E 34 3.59 -6.25 -9.36
N TRP E 35 3.50 -7.56 -9.12
CA TRP E 35 3.51 -8.59 -10.17
C TRP E 35 2.32 -9.51 -10.04
N TYR E 36 1.71 -9.82 -11.17
CA TYR E 36 0.51 -10.63 -11.31
C TYR E 36 0.74 -11.83 -12.21
N GLN E 37 0.32 -13.01 -11.76
CA GLN E 37 0.26 -14.23 -12.55
C GLN E 37 -1.18 -14.48 -12.99
N GLN E 38 -1.41 -14.73 -14.27
CA GLN E 38 -2.75 -15.10 -14.77
C GLN E 38 -2.69 -16.42 -15.52
N SER E 39 -3.17 -17.48 -14.87
CA SER E 39 -3.46 -18.74 -15.56
C SER E 39 -4.70 -18.59 -16.47
N PRO E 40 -4.79 -19.35 -17.57
CA PRO E 40 -5.93 -19.35 -18.49
C PRO E 40 -7.28 -19.52 -17.78
N GLY E 41 -8.23 -18.64 -18.07
CA GLY E 41 -9.64 -18.77 -17.69
C GLY E 41 -10.03 -18.25 -16.30
N THR E 42 -9.21 -17.40 -15.67
CA THR E 42 -9.47 -16.86 -14.32
C THR E 42 -8.82 -15.48 -14.09
N ALA E 43 -9.16 -14.82 -12.99
CA ALA E 43 -8.68 -13.49 -12.62
C ALA E 43 -7.16 -13.48 -12.33
N PRO E 44 -6.44 -12.36 -12.57
CA PRO E 44 -5.06 -12.21 -12.14
C PRO E 44 -4.87 -12.45 -10.64
N LYS E 45 -3.70 -12.93 -10.21
CA LYS E 45 -3.35 -13.17 -8.81
C LYS E 45 -2.02 -12.51 -8.45
N LEU E 46 -1.98 -11.81 -7.31
CA LEU E 46 -0.84 -11.03 -6.81
C LEU E 46 0.31 -11.92 -6.31
N MET E 47 1.48 -11.83 -6.92
CA MET E 47 2.71 -12.51 -6.48
C MET E 47 3.56 -11.65 -5.54
N ILE E 48 3.69 -10.35 -5.84
CA ILE E 48 4.60 -9.41 -5.18
C ILE E 48 3.91 -8.04 -5.08
N TYR E 49 3.95 -7.34 -3.93
CA TYR E 49 3.13 -6.14 -3.67
C TYR E 49 3.86 -4.80 -3.62
N ASP E 50 5.16 -4.82 -3.33
CA ASP E 50 6.11 -3.74 -3.54
C ASP E 50 7.40 -4.45 -4.00
N VAL E 51 8.35 -3.77 -4.60
CA VAL E 51 9.53 -4.45 -5.18
C VAL E 51 10.16 -5.41 -4.15
N SER E 52 10.23 -6.70 -4.45
CA SER E 52 10.74 -7.77 -3.55
C SER E 52 9.88 -8.16 -2.34
N ASN E 53 8.68 -7.61 -2.15
CA ASN E 53 7.79 -7.95 -1.03
C ASN E 53 6.72 -8.96 -1.46
N ARG E 54 6.62 -10.11 -0.78
CA ARG E 54 5.61 -11.15 -1.06
C ARG E 54 4.46 -11.09 -0.04
N PRO E 55 3.18 -11.24 -0.44
CA PRO E 55 2.04 -11.25 0.48
C PRO E 55 2.12 -12.29 1.62
N SER E 56 2.74 -13.44 1.34
CA SER E 56 2.89 -14.58 2.25
C SER E 56 4.02 -15.51 1.76
N GLY E 57 4.43 -16.48 2.58
CA GLY E 57 5.49 -17.45 2.23
C GLY E 57 5.15 -18.45 1.12
N ALA E 58 3.92 -18.46 0.59
CA ALA E 58 3.50 -19.32 -0.51
C ALA E 58 4.22 -19.04 -1.86
N PHE E 59 4.80 -17.85 -2.03
CA PHE E 59 5.35 -17.36 -3.31
C PHE E 59 6.88 -17.45 -3.38
N SER E 60 7.50 -18.41 -2.70
CA SER E 60 8.96 -18.48 -2.49
C SER E 60 9.79 -18.60 -3.78
N ARG E 61 9.21 -19.10 -4.88
CA ARG E 61 9.89 -19.19 -6.18
C ARG E 61 10.10 -17.83 -6.86
N PHE E 62 9.36 -16.81 -6.44
CA PHE E 62 9.23 -15.51 -7.10
C PHE E 62 10.04 -14.45 -6.36
N SER E 63 10.89 -13.72 -7.11
CA SER E 63 11.81 -12.72 -6.55
C SER E 63 11.83 -11.46 -7.40
N GLY E 64 11.35 -10.36 -6.84
CA GLY E 64 11.25 -9.06 -7.50
C GLY E 64 12.46 -8.16 -7.26
N SER E 65 12.80 -7.30 -8.22
CA SER E 65 13.92 -6.36 -8.12
C SER E 65 13.71 -5.14 -9.01
N ARG E 66 14.52 -4.08 -8.83
CA ARG E 66 14.45 -2.85 -9.62
C ARG E 66 15.82 -2.21 -9.83
N SER E 67 16.03 -1.58 -10.98
CA SER E 67 17.23 -0.81 -11.33
C SER E 67 16.92 0.22 -12.42
N GLY E 68 17.11 1.51 -12.14
CA GLY E 68 16.68 2.60 -13.03
C GLY E 68 15.17 2.56 -13.27
N ASN E 69 14.73 2.77 -14.51
CA ASN E 69 13.33 2.61 -14.93
C ASN E 69 12.90 1.14 -15.17
N THR E 70 13.76 0.15 -14.87
CA THR E 70 13.49 -1.28 -15.10
C THR E 70 13.14 -2.00 -13.80
N ALA E 71 12.10 -2.83 -13.80
CA ALA E 71 11.79 -3.76 -12.73
C ALA E 71 11.67 -5.19 -13.26
N SER E 72 11.97 -6.17 -12.42
CA SER E 72 12.12 -7.57 -12.85
C SER E 72 11.49 -8.57 -11.89
N LEU E 73 10.97 -9.67 -12.42
CA LEU E 73 10.49 -10.84 -11.70
C LEU E 73 11.33 -12.04 -12.13
N THR E 74 12.03 -12.65 -11.19
CA THR E 74 12.78 -13.88 -11.43
C THR E 74 12.02 -15.06 -10.85
N ILE E 75 11.84 -16.11 -11.64
CA ILE E 75 11.15 -17.33 -11.25
C ILE E 75 12.18 -18.45 -11.24
N SER E 76 12.59 -18.87 -10.04
CA SER E 76 13.60 -19.90 -9.86
C SER E 76 12.91 -21.25 -9.76
N GLY E 77 13.65 -22.30 -10.13
CA GLY E 77 13.11 -23.64 -10.01
C GLY E 77 11.90 -23.85 -10.90
N LEU E 78 11.87 -23.30 -12.11
CA LEU E 78 10.68 -23.25 -12.96
C LEU E 78 9.99 -24.62 -13.13
N GLN E 79 8.71 -24.73 -12.75
CA GLN E 79 7.90 -25.95 -12.87
C GLN E 79 6.96 -25.89 -14.08
N PRO E 80 6.49 -27.02 -14.63
CA PRO E 80 5.38 -27.05 -15.58
C PRO E 80 4.10 -26.31 -15.11
N GLU E 81 3.90 -26.18 -13.79
CA GLU E 81 2.80 -25.40 -13.19
C GLU E 81 2.97 -23.87 -13.31
N ASP E 82 4.14 -23.38 -13.72
CA ASP E 82 4.51 -21.95 -13.80
C ASP E 82 4.35 -21.34 -15.21
N GLU E 83 3.80 -22.09 -16.15
CA GLU E 83 3.44 -21.59 -17.49
C GLU E 83 2.17 -20.74 -17.41
N ALA E 84 2.28 -19.43 -17.59
CA ALA E 84 1.18 -18.49 -17.41
C ALA E 84 1.56 -17.17 -18.08
N ASP E 85 0.61 -16.25 -18.12
CA ASP E 85 0.87 -14.88 -18.56
C ASP E 85 1.10 -14.00 -17.35
N TYR E 86 2.22 -13.27 -17.34
CA TYR E 86 2.68 -12.44 -16.22
C TYR E 86 2.67 -10.94 -16.56
N TYR E 87 2.06 -10.13 -15.70
CA TYR E 87 1.93 -8.67 -15.84
C TYR E 87 2.54 -7.97 -14.62
N CYS E 88 3.29 -6.90 -14.82
CA CYS E 88 3.69 -5.99 -13.75
C CYS E 88 2.68 -4.86 -13.68
N SER E 89 2.55 -4.21 -12.52
CA SER E 89 1.68 -3.06 -12.34
C SER E 89 2.40 -2.01 -11.50
N SER E 90 2.30 -0.75 -11.94
CA SER E 90 2.85 0.43 -11.25
C SER E 90 2.21 1.73 -11.75
N HIS E 91 2.63 2.88 -11.22
CA HIS E 91 2.14 4.22 -11.55
C HIS E 91 3.28 5.24 -11.49
N ARG E 92 3.20 6.33 -12.26
CA ARG E 92 4.17 7.44 -12.20
C ARG E 92 4.06 8.18 -10.86
N THR E 93 5.13 8.77 -10.37
CA THR E 93 5.10 9.56 -9.14
C THR E 93 4.44 10.92 -9.40
N GLY E 94 3.57 11.37 -8.50
CA GLY E 94 2.71 12.53 -8.73
C GLY E 94 1.41 12.22 -9.48
N TYR E 95 1.07 10.94 -9.68
CA TYR E 95 -0.15 10.47 -10.34
C TYR E 95 -0.79 9.32 -9.55
N THR E 96 -2.10 9.13 -9.75
CA THR E 96 -2.90 8.11 -9.08
C THR E 96 -3.46 7.07 -10.05
N VAL E 97 -3.06 7.10 -11.32
CA VAL E 97 -3.60 6.18 -12.32
C VAL E 97 -2.65 5.00 -12.47
N GLU E 98 -3.16 3.79 -12.25
CA GLU E 98 -2.39 2.55 -12.43
C GLU E 98 -2.25 2.17 -13.90
N VAL E 99 -1.11 1.60 -14.28
CA VAL E 99 -0.88 1.01 -15.61
C VAL E 99 -0.35 -0.41 -15.47
N PHE E 100 -0.72 -1.28 -16.40
CA PHE E 100 -0.25 -2.66 -16.45
C PHE E 100 0.75 -2.81 -17.59
N GLY E 101 1.67 -3.76 -17.45
CA GLY E 101 2.55 -4.12 -18.54
C GLY E 101 1.82 -4.83 -19.65
N THR E 102 2.49 -4.97 -20.79
CA THR E 102 1.88 -5.61 -21.95
C THR E 102 1.71 -7.11 -21.77
N GLY E 103 2.50 -7.75 -20.92
CA GLY E 103 2.34 -9.17 -20.65
C GLY E 103 3.40 -10.02 -21.29
N THR E 104 3.99 -10.93 -20.51
CA THR E 104 4.98 -11.88 -21.01
C THR E 104 4.45 -13.29 -20.79
N LYS E 105 4.54 -14.10 -21.84
CA LYS E 105 4.17 -15.51 -21.76
C LYS E 105 5.39 -16.32 -21.37
N VAL E 106 5.32 -17.03 -20.24
CA VAL E 106 6.41 -17.89 -19.75
C VAL E 106 6.13 -19.32 -20.18
N THR E 107 7.03 -19.94 -20.92
CA THR E 107 6.80 -21.26 -21.54
C THR E 107 7.79 -22.31 -21.04
N VAL E 108 7.31 -23.51 -20.72
CA VAL E 108 8.13 -24.58 -20.11
C VAL E 108 8.41 -25.66 -21.13
N LEU E 109 9.70 -25.92 -21.41
CA LEU E 109 10.12 -26.98 -22.31
C LEU E 109 9.86 -28.36 -21.68
N GLY E 110 9.47 -29.37 -22.47
CA GLY E 110 8.93 -30.61 -21.90
C GLY E 110 8.59 -31.69 -22.91
N GLN E 111 7.66 -32.57 -22.54
CA GLN E 111 7.41 -33.84 -23.23
C GLN E 111 7.13 -33.66 -24.73
N PRO E 112 7.85 -34.38 -25.61
CA PRO E 112 7.81 -34.13 -27.04
C PRO E 112 6.55 -34.70 -27.71
N LYS E 113 6.08 -33.98 -28.73
CA LYS E 113 5.18 -34.43 -29.81
C LYS E 113 4.06 -35.38 -29.36
N ALA E 114 3.24 -34.96 -28.39
CA ALA E 114 2.04 -35.72 -28.00
C ALA E 114 1.02 -35.74 -29.16
N ALA E 115 0.71 -36.95 -29.66
CA ALA E 115 -0.14 -37.14 -30.82
C ALA E 115 -1.64 -36.89 -30.52
N PRO E 116 -2.43 -36.40 -31.49
CA PRO E 116 -3.84 -36.12 -31.31
C PRO E 116 -4.64 -37.41 -31.06
N SER E 117 -5.34 -37.47 -29.93
CA SER E 117 -6.54 -38.30 -29.80
C SER E 117 -7.69 -37.64 -30.56
N VAL E 118 -8.45 -38.41 -31.34
CA VAL E 118 -9.47 -37.91 -32.28
C VAL E 118 -10.77 -38.70 -32.19
N THR E 119 -11.91 -38.03 -32.27
CA THR E 119 -13.25 -38.65 -32.36
C THR E 119 -14.18 -37.88 -33.31
N LEU E 120 -15.16 -38.55 -33.90
CA LEU E 120 -16.10 -38.02 -34.88
C LEU E 120 -17.51 -38.54 -34.60
N PHE E 121 -18.51 -37.66 -34.61
CA PHE E 121 -19.94 -38.00 -34.51
C PHE E 121 -20.68 -37.80 -35.84
N PRO E 122 -21.54 -38.75 -36.27
CA PRO E 122 -22.48 -38.53 -37.38
C PRO E 122 -23.61 -37.57 -36.96
N PRO E 123 -24.39 -37.01 -37.90
CA PRO E 123 -25.59 -36.23 -37.59
C PRO E 123 -26.59 -37.06 -36.78
N SER E 124 -27.18 -36.46 -35.75
CA SER E 124 -28.19 -37.11 -34.93
C SER E 124 -29.55 -36.97 -35.59
N SER E 125 -30.47 -37.86 -35.21
CA SER E 125 -31.81 -37.84 -35.78
C SER E 125 -32.54 -36.55 -35.45
N GLU E 126 -32.34 -36.03 -34.23
CA GLU E 126 -33.04 -34.81 -33.84
C GLU E 126 -32.68 -33.63 -34.74
N GLU E 127 -31.43 -33.55 -35.18
CA GLU E 127 -30.96 -32.51 -36.11
C GLU E 127 -31.45 -32.78 -37.54
N LEU E 128 -31.44 -34.05 -37.97
CA LEU E 128 -31.91 -34.40 -39.31
C LEU E 128 -33.41 -34.12 -39.45
N GLN E 129 -34.17 -34.30 -38.38
CA GLN E 129 -35.60 -33.97 -38.42
C GLN E 129 -35.81 -32.48 -38.66
N ALA E 130 -34.77 -31.66 -38.44
CA ALA E 130 -34.85 -30.23 -38.69
C ALA E 130 -34.36 -29.85 -40.09
N ASN E 131 -34.11 -30.82 -40.95
CA ASN E 131 -33.55 -30.56 -42.29
C ASN E 131 -32.16 -29.98 -42.20
N LYS E 132 -31.38 -30.35 -41.17
CA LYS E 132 -30.00 -29.89 -40.93
C LYS E 132 -29.09 -31.07 -40.62
N ALA E 133 -27.78 -30.90 -40.79
CA ALA E 133 -26.79 -31.84 -40.28
C ALA E 133 -25.47 -31.12 -39.95
N THR E 134 -24.80 -31.60 -38.89
CA THR E 134 -23.46 -31.17 -38.50
C THR E 134 -22.59 -32.41 -38.25
N LEU E 135 -21.47 -32.56 -38.96
CA LEU E 135 -20.45 -33.54 -38.57
C LEU E 135 -19.55 -32.91 -37.51
N VAL E 136 -19.54 -33.48 -36.31
CA VAL E 136 -18.76 -32.94 -35.18
C VAL E 136 -17.49 -33.76 -35.02
N CYS E 137 -16.34 -33.17 -35.34
CA CYS E 137 -15.02 -33.76 -35.18
C CYS E 137 -14.24 -33.05 -34.07
N LEU E 138 -13.66 -33.84 -33.16
CA LEU E 138 -12.99 -33.34 -31.95
C LEU E 138 -11.56 -33.89 -31.84
N ILE E 139 -10.65 -33.05 -31.37
CA ILE E 139 -9.21 -33.31 -31.30
C ILE E 139 -8.79 -33.06 -29.84
N SER E 140 -8.76 -34.14 -29.06
CA SER E 140 -8.89 -34.08 -27.60
C SER E 140 -7.60 -33.67 -26.86
N ASP E 141 -6.45 -34.18 -27.30
CA ASP E 141 -5.18 -33.98 -26.58
C ASP E 141 -3.99 -34.00 -27.55
N PHE E 142 -3.20 -32.92 -27.62
CA PHE E 142 -1.98 -32.86 -28.44
C PHE E 142 -0.99 -31.78 -27.98
N TYR E 143 0.26 -31.85 -28.42
CA TYR E 143 1.33 -30.87 -28.19
C TYR E 143 2.38 -30.94 -29.31
N PRO E 144 2.99 -29.82 -29.78
CA PRO E 144 2.92 -28.45 -29.25
C PRO E 144 1.79 -27.56 -29.81
N GLY E 145 0.74 -28.11 -30.42
CA GLY E 145 -0.44 -27.34 -30.85
C GLY E 145 -0.53 -27.04 -32.35
N ALA E 146 0.47 -27.42 -33.14
CA ALA E 146 0.49 -27.23 -34.60
C ALA E 146 -0.31 -28.31 -35.36
N VAL E 147 -1.64 -28.18 -35.39
CA VAL E 147 -2.57 -29.14 -36.01
C VAL E 147 -3.41 -28.49 -37.12
N THR E 148 -3.68 -29.25 -38.20
CA THR E 148 -4.55 -28.82 -39.28
C THR E 148 -5.59 -29.92 -39.51
N VAL E 149 -6.77 -29.51 -39.96
CA VAL E 149 -7.91 -30.38 -40.16
C VAL E 149 -8.50 -30.13 -41.54
N ALA E 150 -8.86 -31.21 -42.22
CA ALA E 150 -9.44 -31.21 -43.55
C ALA E 150 -10.51 -32.31 -43.63
N TRP E 151 -11.46 -32.16 -44.56
CA TRP E 151 -12.57 -33.11 -44.69
C TRP E 151 -12.66 -33.66 -46.11
N LYS E 152 -13.06 -34.92 -46.24
CA LYS E 152 -13.37 -35.54 -47.54
C LYS E 152 -14.72 -36.25 -47.50
N ALA E 153 -15.54 -36.05 -48.52
CA ALA E 153 -16.78 -36.81 -48.70
C ALA E 153 -16.58 -37.79 -49.84
N ASP E 154 -16.56 -39.09 -49.51
CA ASP E 154 -16.23 -40.12 -50.48
C ASP E 154 -14.94 -39.77 -51.22
N SER E 155 -13.93 -39.35 -50.45
CA SER E 155 -12.61 -38.98 -50.95
C SER E 155 -12.63 -37.66 -51.71
N SER E 156 -13.78 -36.97 -51.77
CA SER E 156 -13.87 -35.65 -52.39
C SER E 156 -13.70 -34.56 -51.34
N PRO E 157 -12.65 -33.75 -51.39
CA PRO E 157 -12.45 -32.75 -50.34
C PRO E 157 -13.62 -31.80 -50.23
N VAL E 158 -13.89 -31.33 -49.01
CA VAL E 158 -14.89 -30.29 -48.73
C VAL E 158 -14.20 -29.04 -48.17
N LYS E 159 -14.48 -27.86 -48.73
CA LYS E 159 -13.86 -26.58 -48.34
C LYS E 159 -14.84 -25.46 -48.05
N ALA E 160 -16.01 -25.44 -48.70
CA ALA E 160 -17.05 -24.44 -48.48
C ALA E 160 -17.88 -24.68 -47.20
N GLY E 161 -18.12 -25.94 -46.84
CA GLY E 161 -18.97 -26.34 -45.71
C GLY E 161 -18.27 -26.49 -44.36
N VAL E 162 -16.99 -26.14 -44.26
CA VAL E 162 -16.12 -26.42 -43.08
C VAL E 162 -15.90 -25.18 -42.23
N GLU E 163 -16.05 -25.30 -40.91
CA GLU E 163 -15.75 -24.24 -39.94
C GLU E 163 -14.94 -24.78 -38.75
N THR E 164 -13.98 -24.00 -38.26
CA THR E 164 -12.88 -24.41 -37.36
C THR E 164 -12.54 -23.34 -36.33
N THR E 165 -11.88 -23.71 -35.24
CA THR E 165 -11.37 -22.79 -34.21
C THR E 165 -9.92 -23.13 -33.81
N THR E 166 -9.17 -22.14 -33.35
CA THR E 166 -7.72 -22.26 -33.08
C THR E 166 -7.40 -23.17 -31.89
N PRO E 167 -6.38 -24.05 -31.99
CA PRO E 167 -5.90 -24.87 -30.89
C PRO E 167 -5.70 -24.10 -29.59
N SER E 168 -6.22 -24.63 -28.49
CA SER E 168 -6.34 -23.91 -27.21
C SER E 168 -6.02 -24.83 -26.02
N LYS E 169 -5.55 -24.23 -24.93
CA LYS E 169 -5.17 -24.92 -23.69
C LYS E 169 -6.31 -25.74 -23.08
N GLN E 170 -6.00 -26.96 -22.64
CA GLN E 170 -6.82 -27.72 -21.68
C GLN E 170 -6.64 -27.13 -20.26
N SER E 171 -7.18 -27.78 -19.22
CA SER E 171 -6.74 -27.56 -17.84
C SER E 171 -5.29 -28.05 -17.61
N ASN E 172 -4.92 -29.14 -18.29
CA ASN E 172 -3.52 -29.59 -18.46
C ASN E 172 -2.75 -28.65 -19.41
N ASN E 173 -1.41 -28.79 -19.50
CA ASN E 173 -0.59 -27.97 -20.39
C ASN E 173 -0.78 -28.29 -21.90
N LYS E 174 -1.38 -29.43 -22.24
CA LYS E 174 -1.71 -29.84 -23.62
C LYS E 174 -2.78 -28.95 -24.28
N TYR E 175 -2.91 -29.08 -25.60
CA TYR E 175 -3.90 -28.39 -26.42
C TYR E 175 -5.08 -29.31 -26.80
N ALA E 176 -6.19 -28.70 -27.18
CA ALA E 176 -7.37 -29.32 -27.77
C ALA E 176 -7.98 -28.41 -28.85
N ALA E 177 -8.76 -28.99 -29.77
CA ALA E 177 -9.42 -28.27 -30.87
C ALA E 177 -10.66 -29.03 -31.37
N SER E 178 -11.51 -28.34 -32.14
CA SER E 178 -12.74 -28.88 -32.70
C SER E 178 -13.05 -28.29 -34.08
N SER E 179 -13.87 -29.00 -34.87
CA SER E 179 -14.31 -28.54 -36.18
C SER E 179 -15.68 -29.10 -36.52
N TYR E 180 -16.39 -28.39 -37.38
CA TYR E 180 -17.71 -28.75 -37.86
C TYR E 180 -17.77 -28.74 -39.38
N LEU E 181 -18.33 -29.78 -40.00
CA LEU E 181 -18.76 -29.73 -41.40
C LEU E 181 -20.29 -29.61 -41.42
N SER E 182 -20.78 -28.56 -42.08
CA SER E 182 -22.21 -28.28 -42.23
C SER E 182 -22.67 -28.78 -43.60
N LEU E 183 -23.71 -29.62 -43.61
CA LEU E 183 -24.21 -30.27 -44.81
C LEU E 183 -25.70 -30.51 -44.66
N THR E 184 -26.35 -30.79 -45.78
CA THR E 184 -27.77 -31.08 -45.79
C THR E 184 -28.01 -32.56 -45.50
N PRO E 185 -29.22 -32.92 -45.09
CA PRO E 185 -29.54 -34.36 -44.99
C PRO E 185 -29.42 -35.09 -46.32
N GLU E 186 -29.66 -34.38 -47.43
CA GLU E 186 -29.50 -35.00 -48.74
C GLU E 186 -28.03 -35.32 -49.01
N GLN E 187 -27.13 -34.40 -48.65
CA GLN E 187 -25.71 -34.68 -48.79
C GLN E 187 -25.26 -35.79 -47.84
N TRP E 188 -25.81 -35.82 -46.62
CA TRP E 188 -25.52 -36.86 -45.63
C TRP E 188 -25.91 -38.25 -46.14
N LYS E 189 -27.08 -38.36 -46.80
CA LYS E 189 -27.52 -39.64 -47.33
C LYS E 189 -26.97 -39.92 -48.72
N SER E 190 -26.71 -38.89 -49.53
CA SER E 190 -26.21 -39.10 -50.88
C SER E 190 -24.81 -39.69 -50.86
N HIS E 191 -23.91 -39.13 -50.06
CA HIS E 191 -22.55 -39.63 -49.98
C HIS E 191 -22.50 -40.92 -49.19
N ARG E 192 -21.57 -41.83 -49.53
CA ARG E 192 -21.46 -43.15 -48.88
C ARG E 192 -20.75 -43.07 -47.52
N SER E 193 -19.71 -42.26 -47.37
CA SER E 193 -19.08 -41.97 -46.08
C SER E 193 -18.33 -40.63 -46.06
N TYR E 194 -18.10 -40.11 -44.86
CA TYR E 194 -17.33 -38.88 -44.62
C TYR E 194 -16.10 -39.17 -43.78
N SER E 195 -15.01 -38.48 -44.07
CA SER E 195 -13.76 -38.53 -43.30
C SER E 195 -13.40 -37.15 -42.74
N CYS E 196 -13.12 -37.11 -41.43
CA CYS E 196 -12.38 -36.02 -40.80
C CYS E 196 -10.89 -36.42 -40.75
N GLN E 197 -10.03 -35.66 -41.42
CA GLN E 197 -8.59 -35.90 -41.52
C GLN E 197 -7.83 -34.90 -40.66
N VAL E 198 -7.05 -35.41 -39.71
CA VAL E 198 -6.27 -34.61 -38.75
C VAL E 198 -4.78 -34.85 -38.98
N THR E 199 -4.02 -33.78 -39.24
CA THR E 199 -2.56 -33.82 -39.39
C THR E 199 -1.90 -33.02 -38.27
N HIS E 200 -1.03 -33.68 -37.50
CA HIS E 200 -0.23 -33.10 -36.43
C HIS E 200 1.26 -33.27 -36.73
N GLU E 201 1.94 -32.17 -37.09
CA GLU E 201 3.36 -32.17 -37.40
C GLU E 201 3.76 -33.32 -38.35
N GLY E 202 2.97 -33.48 -39.43
CA GLY E 202 3.14 -34.47 -40.49
C GLY E 202 2.45 -35.82 -40.22
N SER E 203 2.42 -36.28 -38.97
CA SER E 203 1.68 -37.49 -38.57
C SER E 203 0.19 -37.27 -38.79
N THR E 204 -0.48 -38.18 -39.50
CA THR E 204 -1.86 -37.97 -40.00
C THR E 204 -2.75 -39.16 -39.68
N VAL E 205 -3.99 -38.88 -39.27
CA VAL E 205 -5.02 -39.88 -38.95
C VAL E 205 -6.36 -39.46 -39.54
N GLU E 206 -7.24 -40.43 -39.78
CA GLU E 206 -8.60 -40.20 -40.26
C GLU E 206 -9.64 -40.91 -39.40
N LYS E 207 -10.77 -40.24 -39.17
CA LYS E 207 -11.95 -40.76 -38.47
C LYS E 207 -13.13 -40.71 -39.43
N THR E 208 -13.95 -41.76 -39.49
CA THR E 208 -14.94 -41.94 -40.57
C THR E 208 -16.32 -42.37 -40.06
N VAL E 209 -17.38 -41.89 -40.73
CA VAL E 209 -18.79 -42.23 -40.45
C VAL E 209 -19.63 -42.35 -41.74
N ALA E 210 -20.76 -43.05 -41.67
CA ALA E 210 -21.65 -43.35 -42.79
C ALA E 210 -23.14 -43.38 -42.36
N PRO E 211 -24.09 -43.09 -43.27
CA PRO E 211 -25.52 -43.00 -42.94
C PRO E 211 -26.21 -44.37 -42.68
N THR E 212 -25.51 -45.48 -42.87
CA THR E 212 -26.04 -46.85 -42.71
C THR E 212 -26.00 -47.40 -41.28
N GLU E 213 -25.28 -46.74 -40.36
CA GLU E 213 -25.09 -47.17 -38.96
C GLU E 213 -26.30 -46.93 -38.03
C21 MOV F . -6.02 11.28 2.78
C20 MOV F . -7.03 10.72 1.78
C19 MOV F . -8.14 11.76 1.66
N6 MOV F . -7.80 12.87 0.83
C23 MOV F . -7.91 14.26 1.19
O2 MOV F . -7.59 15.09 0.41
C24 MOV F . -8.43 14.67 2.55
C25 MOV F . -8.41 16.19 2.66
C18 MOV F . -7.30 12.40 -0.44
C17 MOV F . -6.00 11.65 -0.17
N2 MOV F . -6.23 10.43 0.60
C7 MOV F . -5.73 9.09 0.34
N3 MOV F . -6.12 8.13 1.29
C8 MOV F . -5.73 6.75 1.15
O1 MOV F . -6.07 5.97 1.96
N4 MOV F . -4.91 6.34 0.03
C9 MOV F . -4.50 4.95 -0.12
C13 MOV F . -5.26 4.12 -0.88
C22 MOV F . -6.51 4.63 -1.58
C12 MOV F . -4.91 2.83 -1.03
C11 MOV F . -3.78 2.36 -0.41
N5 MOV F . -3.02 3.19 0.34
C10 MOV F . -3.37 4.48 0.51
C14 MOV F . -2.50 5.42 1.35
C16 MOV F . -2.11 4.76 2.67
C15 MOV F . -1.24 5.69 0.57
C2 MOV F . -4.48 7.35 -0.97
N1 MOV F . -3.71 6.91 -2.00
C1 MOV F . -4.86 8.66 -0.86
C5 MOV F . -4.43 9.52 -1.82
C4 MOV F . -3.66 9.11 -2.84
F1 MOV F . -3.21 9.95 -3.82
C3 MOV F . -3.29 7.78 -2.93
C6 MOV F . -2.45 7.20 -4.04
C30 MOV F . -1.15 7.61 -4.25
F2 MOV F . -0.58 8.53 -3.43
C29 MOV F . -0.42 7.06 -5.28
C28 MOV F . -0.99 6.12 -6.11
C27 MOV F . -2.29 5.72 -5.90
C26 MOV F . -3.01 6.26 -4.87
O3 MOV F . -4.33 5.86 -4.65
#